data_4MCU
#
_entry.id   4MCU
#
_cell.length_a   91.540
_cell.length_b   91.540
_cell.length_c   147.211
_cell.angle_alpha   90.00
_cell.angle_beta   90.00
_cell.angle_gamma   120.00
#
_symmetry.space_group_name_H-M   'P 32'
#
loop_
_entity.id
_entity.type
_entity.pdbx_description
1 polymer 'Thiol:disulfide interchange protein'
2 water water
#
_entity_poly.entity_id   1
_entity_poly.type   'polypeptide(L)'
_entity_poly.pdbx_seq_one_letter_code
;SNAQITDGKQYITLDKPIAGEPQVLEFFSFYCPHCYQFEEVLHVSDNVRQKLPEGTKMTKYHVEFLGPLGKDLTQAWAVA
IALGVEDKITAPMFEAVQKTQTVQSVADIRKVFVDAGVKGEDYDAAWNSFVVKSLVAQQEKAAADLQLQGVPAMYVNGKY
QLNPQGMDTSNMDVFVAQYADTVKQLVEKK
;
_entity_poly.pdbx_strand_id   A,B,C,D,E,F
#
# COMPACT_ATOMS: atom_id res chain seq x y z
N ASN A 2 17.24 9.57 -9.93
CA ASN A 2 17.77 8.28 -10.46
C ASN A 2 16.66 7.28 -10.75
N ALA A 3 15.81 7.03 -9.75
CA ALA A 3 14.59 6.22 -9.88
C ALA A 3 14.86 4.71 -9.93
N GLN A 4 13.83 3.93 -9.58
CA GLN A 4 13.93 2.48 -9.55
C GLN A 4 12.54 1.85 -9.57
N ILE A 5 12.39 0.78 -10.34
CA ILE A 5 11.12 0.07 -10.47
C ILE A 5 11.16 -1.23 -9.69
N THR A 6 9.98 -1.84 -9.51
CA THR A 6 9.83 -3.00 -8.64
C THR A 6 8.93 -4.05 -9.28
N ASP A 7 9.35 -5.31 -9.20
CA ASP A 7 8.55 -6.41 -9.72
C ASP A 7 7.23 -6.51 -8.98
N GLY A 8 6.14 -6.61 -9.74
CA GLY A 8 4.81 -6.65 -9.16
C GLY A 8 4.14 -5.28 -9.23
N LYS A 9 4.96 -4.25 -9.34
CA LYS A 9 4.47 -2.87 -9.35
C LYS A 9 4.30 -2.33 -10.77
N GLN A 10 5.36 -1.73 -11.33
CA GLN A 10 5.29 -1.13 -12.65
C GLN A 10 5.43 -2.15 -13.77
N TYR A 11 5.81 -3.37 -13.43
CA TYR A 11 5.86 -4.45 -14.40
C TYR A 11 5.61 -5.76 -13.68
N ILE A 12 5.39 -6.82 -14.44
CA ILE A 12 5.33 -8.15 -13.89
C ILE A 12 6.17 -9.11 -14.69
N THR A 13 6.63 -10.15 -14.01
CA THR A 13 7.56 -11.09 -14.58
C THR A 13 6.80 -12.36 -14.96
N LEU A 14 7.01 -12.80 -16.20
CA LEU A 14 6.27 -13.94 -16.74
C LEU A 14 6.73 -15.24 -16.08
N ASP A 15 5.77 -16.10 -15.76
CA ASP A 15 6.10 -17.42 -15.18
C ASP A 15 6.72 -18.31 -16.24
N LYS A 16 6.44 -17.98 -17.50
CA LYS A 16 6.93 -18.75 -18.63
C LYS A 16 7.46 -17.78 -19.68
N PRO A 17 8.70 -17.30 -19.48
CA PRO A 17 9.31 -16.39 -20.45
C PRO A 17 9.65 -17.10 -21.75
N ILE A 18 9.66 -16.34 -22.85
CA ILE A 18 9.93 -16.89 -24.16
C ILE A 18 11.16 -16.23 -24.72
N ALA A 19 12.05 -17.04 -25.28
CA ALA A 19 13.28 -16.53 -25.86
C ALA A 19 13.06 -16.23 -27.34
N GLY A 20 13.81 -15.26 -27.85
CA GLY A 20 13.82 -14.98 -29.27
C GLY A 20 12.83 -13.91 -29.69
N GLU A 21 12.13 -13.33 -28.73
CA GLU A 21 11.16 -12.29 -29.03
C GLU A 21 11.88 -10.96 -29.25
N PRO A 22 11.23 -10.03 -29.95
CA PRO A 22 11.76 -8.66 -30.06
C PRO A 22 11.94 -8.04 -28.68
N GLN A 23 12.91 -7.14 -28.57
CA GLN A 23 13.28 -6.58 -27.27
C GLN A 23 12.14 -5.80 -26.62
N VAL A 24 11.44 -5.00 -27.42
CA VAL A 24 10.28 -4.24 -26.95
C VAL A 24 9.12 -4.52 -27.87
N LEU A 25 8.14 -5.28 -27.38
CA LEU A 25 7.05 -5.75 -28.22
C LEU A 25 5.68 -5.29 -27.72
N GLU A 26 5.02 -4.49 -28.55
CA GLU A 26 3.69 -4.00 -28.25
C GLU A 26 2.63 -4.76 -29.03
N PHE A 27 1.52 -5.05 -28.36
CA PHE A 27 0.34 -5.58 -29.01
C PHE A 27 -0.74 -4.51 -29.02
N PHE A 28 -1.51 -4.46 -30.10
CA PHE A 28 -2.55 -3.44 -30.21
C PHE A 28 -3.63 -3.84 -31.20
N SER A 29 -4.73 -3.08 -31.17
CA SER A 29 -5.77 -3.21 -32.18
C SER A 29 -6.24 -1.83 -32.60
N PHE A 30 -6.43 -1.64 -33.90
CA PHE A 30 -6.95 -0.40 -34.42
C PHE A 30 -8.38 -0.14 -33.95
N TYR A 31 -9.03 -1.19 -33.45
CA TYR A 31 -10.39 -1.09 -32.96
C TYR A 31 -10.43 -0.56 -31.53
N CYS A 32 -9.41 -0.87 -30.74
CA CYS A 32 -9.45 -0.61 -29.30
C CYS A 32 -9.36 0.88 -28.94
N PRO A 33 -10.33 1.40 -28.16
CA PRO A 33 -10.33 2.80 -27.73
C PRO A 33 -9.11 3.15 -26.90
N HIS A 34 -8.69 2.22 -26.05
CA HIS A 34 -7.53 2.45 -25.19
C HIS A 34 -6.25 2.43 -26.00
N CYS A 35 -6.21 1.64 -27.07
CA CYS A 35 -5.07 1.65 -27.97
C CYS A 35 -5.02 2.96 -28.73
N TYR A 36 -6.19 3.53 -29.02
CA TYR A 36 -6.27 4.82 -29.66
C TYR A 36 -5.65 5.88 -28.76
N GLN A 37 -6.09 5.92 -27.51
CA GLN A 37 -5.55 6.85 -26.53
C GLN A 37 -4.06 6.63 -26.38
N PHE A 38 -3.68 5.36 -26.23
CA PHE A 38 -2.30 4.94 -26.08
C PHE A 38 -1.43 5.50 -27.20
N GLU A 39 -1.83 5.25 -28.43
CA GLU A 39 -1.02 5.63 -29.59
C GLU A 39 -1.22 7.06 -30.05
N GLU A 40 -2.48 7.49 -30.14
CA GLU A 40 -2.79 8.73 -30.84
C GLU A 40 -2.92 9.95 -29.93
N VAL A 41 -3.27 9.74 -28.66
CA VAL A 41 -3.42 10.84 -27.73
C VAL A 41 -2.22 10.96 -26.81
N LEU A 42 -1.89 9.86 -26.12
CA LEU A 42 -0.78 9.87 -25.18
C LEU A 42 0.57 9.70 -25.86
N HIS A 43 0.56 9.00 -26.99
CA HIS A 43 1.78 8.74 -27.74
C HIS A 43 2.80 8.03 -26.86
N VAL A 44 2.31 7.01 -26.17
CA VAL A 44 3.14 6.24 -25.24
C VAL A 44 4.33 5.61 -25.95
N SER A 45 4.06 4.85 -27.00
CA SER A 45 5.09 4.12 -27.71
C SER A 45 6.22 5.00 -28.23
N ASP A 46 5.87 6.16 -28.77
CA ASP A 46 6.87 7.09 -29.28
C ASP A 46 7.72 7.64 -28.14
N ASN A 47 7.09 7.90 -27.00
CA ASN A 47 7.81 8.36 -25.81
C ASN A 47 8.77 7.29 -25.31
N VAL A 48 8.31 6.04 -25.34
CA VAL A 48 9.14 4.91 -24.99
C VAL A 48 10.33 4.83 -25.93
N ARG A 49 10.05 4.83 -27.24
CA ARG A 49 11.08 4.70 -28.26
C ARG A 49 12.15 5.77 -28.10
N GLN A 50 11.72 6.93 -27.60
CA GLN A 50 12.60 8.08 -27.47
C GLN A 50 13.55 7.96 -26.28
N LYS A 51 13.21 7.12 -25.32
CA LYS A 51 14.07 6.86 -24.17
C LYS A 51 14.82 5.56 -24.33
N LEU A 52 14.61 4.87 -25.44
CA LEU A 52 15.17 3.55 -25.62
C LEU A 52 16.67 3.62 -25.84
N PRO A 53 17.44 2.78 -25.11
CA PRO A 53 18.86 2.67 -25.42
C PRO A 53 19.08 2.36 -26.89
N GLU A 54 19.94 3.12 -27.54
CA GLU A 54 20.15 2.99 -28.97
C GLU A 54 20.52 1.57 -29.35
N GLY A 55 20.08 1.16 -30.54
CA GLY A 55 20.21 -0.22 -30.98
C GLY A 55 18.96 -1.03 -30.67
N THR A 56 18.12 -0.49 -29.80
CA THR A 56 16.88 -1.16 -29.41
C THR A 56 15.70 -0.58 -30.16
N LYS A 57 14.92 -1.45 -30.80
CA LYS A 57 13.82 -1.04 -31.66
C LYS A 57 12.46 -1.27 -31.02
N MET A 58 11.48 -0.44 -31.40
CA MET A 58 10.10 -0.56 -30.95
C MET A 58 9.31 -1.41 -31.94
N THR A 59 8.86 -2.58 -31.50
CA THR A 59 8.10 -3.48 -32.35
C THR A 59 6.63 -3.55 -31.92
N LYS A 60 5.72 -3.46 -32.89
CA LYS A 60 4.28 -3.52 -32.64
C LYS A 60 3.62 -4.63 -33.44
N TYR A 61 2.82 -5.45 -32.77
CA TYR A 61 1.98 -6.44 -33.44
C TYR A 61 0.50 -6.11 -33.29
N HIS A 62 -0.28 -6.52 -34.27
CA HIS A 62 -1.73 -6.36 -34.23
C HIS A 62 -2.39 -7.67 -33.81
N VAL A 63 -3.61 -7.56 -33.28
CA VAL A 63 -4.36 -8.73 -32.81
C VAL A 63 -5.68 -8.91 -33.58
N GLU A 64 -6.16 -10.15 -33.62
CA GLU A 64 -7.29 -10.51 -34.45
C GLU A 64 -8.60 -10.59 -33.68
N PHE A 65 -8.51 -10.67 -32.35
CA PHE A 65 -9.65 -11.06 -31.53
C PHE A 65 -10.64 -9.92 -31.28
N LEU A 66 -10.31 -8.72 -31.74
CA LEU A 66 -11.22 -7.60 -31.63
C LEU A 66 -11.77 -7.18 -32.97
N GLY A 67 -13.09 -7.01 -33.02
CA GLY A 67 -13.74 -6.38 -34.15
C GLY A 67 -14.00 -7.33 -35.30
N PRO A 68 -14.85 -6.89 -36.24
CA PRO A 68 -15.25 -7.69 -37.41
C PRO A 68 -14.12 -7.91 -38.41
N LEU A 69 -13.16 -6.99 -38.48
CA LEU A 69 -12.07 -7.10 -39.45
C LEU A 69 -10.71 -7.30 -38.78
N GLY A 70 -10.73 -7.88 -37.57
CA GLY A 70 -9.52 -8.07 -36.80
C GLY A 70 -8.46 -8.88 -37.52
N LYS A 71 -8.89 -9.97 -38.14
CA LYS A 71 -7.98 -10.83 -38.90
C LYS A 71 -7.37 -10.09 -40.08
N ASP A 72 -8.20 -9.43 -40.86
CA ASP A 72 -7.74 -8.75 -42.07
C ASP A 72 -6.89 -7.53 -41.74
N LEU A 73 -7.15 -6.90 -40.60
CA LEU A 73 -6.35 -5.77 -40.17
C LEU A 73 -5.00 -6.24 -39.65
N THR A 74 -4.96 -7.48 -39.19
CA THR A 74 -3.72 -8.09 -38.73
C THR A 74 -2.85 -8.42 -39.94
N GLN A 75 -3.50 -8.79 -41.04
CA GLN A 75 -2.81 -9.06 -42.29
C GLN A 75 -2.38 -7.77 -42.99
N ALA A 76 -3.18 -6.72 -42.84
CA ALA A 76 -2.83 -5.43 -43.41
C ALA A 76 -1.65 -4.84 -42.68
N TRP A 77 -1.57 -5.10 -41.38
CA TRP A 77 -0.46 -4.60 -40.57
C TRP A 77 0.81 -5.35 -40.96
N ALA A 78 0.66 -6.62 -41.32
CA ALA A 78 1.76 -7.41 -41.83
C ALA A 78 2.28 -6.81 -43.13
N VAL A 79 1.37 -6.30 -43.95
CA VAL A 79 1.76 -5.61 -45.17
C VAL A 79 2.50 -4.32 -44.84
N ALA A 80 2.05 -3.64 -43.79
CA ALA A 80 2.64 -2.37 -43.41
C ALA A 80 4.08 -2.58 -42.96
N ILE A 81 4.30 -3.66 -42.24
CA ILE A 81 5.63 -4.05 -41.81
C ILE A 81 6.47 -4.41 -43.03
N ALA A 82 5.92 -5.27 -43.88
CA ALA A 82 6.66 -5.81 -45.02
C ALA A 82 7.03 -4.73 -46.02
N LEU A 83 6.23 -3.68 -46.09
CA LEU A 83 6.48 -2.58 -47.00
C LEU A 83 7.23 -1.45 -46.29
N GLY A 84 7.24 -1.50 -44.96
CA GLY A 84 7.94 -0.50 -44.17
C GLY A 84 7.21 0.83 -44.16
N VAL A 85 5.88 0.76 -44.03
CA VAL A 85 5.04 1.96 -44.11
C VAL A 85 4.20 2.13 -42.84
N GLU A 86 4.69 1.60 -41.72
CA GLU A 86 3.98 1.67 -40.45
C GLU A 86 3.69 3.10 -40.03
N ASP A 87 4.66 3.98 -40.25
CA ASP A 87 4.57 5.36 -39.80
C ASP A 87 3.59 6.18 -40.62
N LYS A 88 3.34 5.74 -41.85
CA LYS A 88 2.42 6.44 -42.74
C LYS A 88 0.97 6.01 -42.53
N ILE A 89 0.79 4.88 -41.85
CA ILE A 89 -0.49 4.18 -41.85
C ILE A 89 -1.22 4.23 -40.52
N THR A 90 -0.47 4.26 -39.43
CA THR A 90 -1.03 4.04 -38.10
C THR A 90 -2.07 5.08 -37.71
N ALA A 91 -1.77 6.36 -37.92
CA ALA A 91 -2.69 7.41 -37.52
C ALA A 91 -3.94 7.45 -38.41
N PRO A 92 -3.78 7.41 -39.74
CA PRO A 92 -4.92 7.35 -40.65
C PRO A 92 -5.88 6.20 -40.33
N MET A 93 -5.32 5.04 -40.02
CA MET A 93 -6.13 3.84 -39.79
C MET A 93 -6.94 3.97 -38.50
N PHE A 94 -6.32 4.46 -37.43
CA PHE A 94 -7.04 4.65 -36.18
C PHE A 94 -8.21 5.60 -36.37
N GLU A 95 -7.97 6.65 -37.14
CA GLU A 95 -9.02 7.62 -37.44
C GLU A 95 -10.12 6.98 -38.27
N ALA A 96 -9.73 6.29 -39.33
CA ALA A 96 -10.68 5.66 -40.24
C ALA A 96 -11.51 4.59 -39.55
N VAL A 97 -10.89 3.86 -38.63
CA VAL A 97 -11.58 2.77 -37.95
C VAL A 97 -12.49 3.28 -36.83
N GLN A 98 -11.97 4.16 -35.98
CA GLN A 98 -12.67 4.56 -34.76
C GLN A 98 -13.40 5.89 -34.87
N LYS A 99 -12.80 6.83 -35.58
CA LYS A 99 -13.36 8.18 -35.63
C LYS A 99 -14.32 8.36 -36.79
N THR A 100 -13.83 8.30 -38.02
CA THR A 100 -14.70 8.43 -39.18
C THR A 100 -15.46 7.12 -39.45
N GLN A 101 -14.95 6.02 -38.90
CA GLN A 101 -15.63 4.73 -38.99
C GLN A 101 -15.89 4.32 -40.44
N THR A 102 -14.95 4.67 -41.31
CA THR A 102 -15.07 4.41 -42.73
C THR A 102 -14.45 3.08 -43.14
N VAL A 103 -14.01 2.29 -42.18
CA VAL A 103 -13.46 0.97 -42.45
C VAL A 103 -14.48 -0.09 -42.05
N GLN A 104 -15.25 -0.53 -43.02
CA GLN A 104 -16.32 -1.49 -42.81
C GLN A 104 -16.01 -2.78 -43.56
N SER A 105 -15.08 -2.69 -44.51
CA SER A 105 -14.72 -3.84 -45.34
C SER A 105 -13.21 -3.92 -45.55
N VAL A 106 -12.77 -5.07 -46.04
CA VAL A 106 -11.37 -5.28 -46.35
C VAL A 106 -10.89 -4.26 -47.38
N ALA A 107 -11.74 -3.96 -48.35
CA ALA A 107 -11.41 -3.00 -49.39
C ALA A 107 -11.13 -1.62 -48.81
N ASP A 108 -11.82 -1.30 -47.72
CA ASP A 108 -11.68 0.01 -47.10
C ASP A 108 -10.35 0.13 -46.39
N ILE A 109 -9.79 -1.01 -46.01
CA ILE A 109 -8.47 -1.04 -45.39
C ILE A 109 -7.45 -0.57 -46.41
N ARG A 110 -7.48 -1.18 -47.58
CA ARG A 110 -6.62 -0.82 -48.70
C ARG A 110 -6.68 0.67 -49.03
N LYS A 111 -7.88 1.24 -48.97
CA LYS A 111 -8.05 2.65 -49.29
C LYS A 111 -7.23 3.55 -48.37
N VAL A 112 -7.11 3.14 -47.11
CA VAL A 112 -6.34 3.90 -46.14
C VAL A 112 -4.88 3.92 -46.56
N PHE A 113 -4.36 2.77 -46.96
CA PHE A 113 -2.99 2.68 -47.44
C PHE A 113 -2.79 3.53 -48.68
N VAL A 114 -3.68 3.33 -49.64
CA VAL A 114 -3.61 4.07 -50.90
C VAL A 114 -3.70 5.57 -50.64
N ASP A 115 -4.70 5.99 -49.88
CA ASP A 115 -4.86 7.40 -49.54
C ASP A 115 -3.63 7.95 -48.84
N ALA A 116 -2.85 7.07 -48.21
CA ALA A 116 -1.72 7.48 -47.39
C ALA A 116 -0.41 7.60 -48.19
N GLY A 117 -0.42 7.15 -49.45
CA GLY A 117 0.75 7.26 -50.30
C GLY A 117 1.31 5.92 -50.74
N VAL A 118 0.66 4.84 -50.35
CA VAL A 118 1.12 3.50 -50.71
C VAL A 118 0.54 3.08 -52.05
N LYS A 119 1.40 2.78 -53.01
CA LYS A 119 0.97 2.28 -54.31
C LYS A 119 0.17 1.00 -54.15
N GLY A 120 -0.99 0.93 -54.79
CA GLY A 120 -1.86 -0.22 -54.68
C GLY A 120 -1.23 -1.51 -55.16
N GLU A 121 -0.38 -1.40 -56.17
CA GLU A 121 0.33 -2.56 -56.71
C GLU A 121 1.24 -3.21 -55.67
N ASP A 122 1.83 -2.40 -54.81
CA ASP A 122 2.72 -2.89 -53.77
C ASP A 122 1.92 -3.53 -52.64
N TYR A 123 0.86 -2.86 -52.24
CA TYR A 123 -0.08 -3.40 -51.24
C TYR A 123 -0.56 -4.78 -51.67
N ASP A 124 -0.98 -4.88 -52.93
CA ASP A 124 -1.56 -6.10 -53.44
C ASP A 124 -0.54 -7.22 -53.51
N ALA A 125 0.68 -6.88 -53.92
CA ALA A 125 1.77 -7.83 -53.96
C ALA A 125 2.11 -8.34 -52.56
N ALA A 126 2.24 -7.40 -51.64
CA ALA A 126 2.55 -7.73 -50.24
C ALA A 126 1.44 -8.59 -49.65
N TRP A 127 0.19 -8.20 -49.87
CA TRP A 127 -0.95 -8.88 -49.28
C TRP A 127 -0.91 -10.40 -49.55
N ASN A 128 -0.55 -10.78 -50.77
CA ASN A 128 -0.54 -12.19 -51.17
C ASN A 128 0.83 -12.85 -51.08
N SER A 129 1.78 -12.22 -50.38
CA SER A 129 3.14 -12.76 -50.27
C SER A 129 3.28 -13.77 -49.14
N PHE A 130 4.24 -14.68 -49.30
CA PHE A 130 4.57 -15.65 -48.26
C PHE A 130 5.09 -14.91 -47.05
N VAL A 131 5.74 -13.79 -47.32
CA VAL A 131 6.32 -12.93 -46.30
C VAL A 131 5.26 -12.50 -45.32
N VAL A 132 4.21 -11.89 -45.85
CA VAL A 132 3.09 -11.40 -45.05
C VAL A 132 2.40 -12.55 -44.32
N LYS A 133 2.32 -13.70 -44.99
CA LYS A 133 1.65 -14.85 -44.42
C LYS A 133 2.37 -15.31 -43.16
N SER A 134 3.69 -15.16 -43.16
CA SER A 134 4.50 -15.58 -42.03
C SER A 134 4.47 -14.54 -40.93
N LEU A 135 4.38 -13.27 -41.32
CA LEU A 135 4.24 -12.18 -40.36
C LEU A 135 2.92 -12.31 -39.59
N VAL A 136 1.87 -12.69 -40.29
CA VAL A 136 0.59 -12.92 -39.62
C VAL A 136 0.76 -14.04 -38.60
N ALA A 137 1.31 -15.16 -39.04
CA ALA A 137 1.53 -16.31 -38.18
C ALA A 137 2.34 -15.91 -36.95
N GLN A 138 3.35 -15.11 -37.17
CA GLN A 138 4.26 -14.66 -36.12
C GLN A 138 3.55 -13.77 -35.10
N GLN A 139 2.66 -12.91 -35.57
CA GLN A 139 1.89 -12.04 -34.69
C GLN A 139 0.97 -12.89 -33.84
N GLU A 140 0.32 -13.86 -34.48
CA GLU A 140 -0.58 -14.78 -33.80
C GLU A 140 0.18 -15.61 -32.77
N LYS A 141 1.33 -16.13 -33.18
CA LYS A 141 2.11 -17.02 -32.33
C LYS A 141 2.62 -16.30 -31.09
N ALA A 142 3.04 -15.05 -31.27
CA ALA A 142 3.61 -14.25 -30.19
C ALA A 142 2.60 -14.02 -29.08
N ALA A 143 1.39 -13.64 -29.46
CA ALA A 143 0.32 -13.38 -28.50
C ALA A 143 0.00 -14.63 -27.69
N ALA A 144 0.06 -15.78 -28.35
CA ALA A 144 -0.22 -17.06 -27.71
C ALA A 144 0.89 -17.44 -26.73
N ASP A 145 2.13 -17.33 -27.19
CA ASP A 145 3.28 -17.71 -26.39
C ASP A 145 3.40 -16.84 -25.15
N LEU A 146 3.11 -15.56 -25.30
CA LEU A 146 3.24 -14.61 -24.21
C LEU A 146 1.95 -14.50 -23.41
N GLN A 147 0.97 -15.33 -23.76
CA GLN A 147 -0.25 -15.44 -22.99
C GLN A 147 -0.94 -14.10 -22.86
N LEU A 148 -1.14 -13.44 -24.00
CA LEU A 148 -1.79 -12.15 -24.07
C LEU A 148 -3.24 -12.25 -23.59
N GLN A 149 -3.62 -11.34 -22.71
CA GLN A 149 -4.96 -11.33 -22.13
C GLN A 149 -5.78 -10.15 -22.63
N GLY A 150 -5.12 -9.13 -23.16
CA GLY A 150 -5.80 -7.98 -23.70
C GLY A 150 -4.85 -6.94 -24.24
N VAL A 151 -5.42 -5.95 -24.92
CA VAL A 151 -4.65 -4.85 -25.48
C VAL A 151 -5.13 -3.50 -24.94
N PRO A 152 -4.25 -2.49 -24.93
CA PRO A 152 -2.84 -2.59 -25.34
C PRO A 152 -1.97 -3.33 -24.34
N ALA A 153 -0.79 -3.74 -24.78
CA ALA A 153 0.12 -4.51 -23.95
C ALA A 153 1.54 -4.36 -24.47
N MET A 154 2.52 -4.41 -23.57
CA MET A 154 3.92 -4.35 -23.97
C MET A 154 4.74 -5.35 -23.17
N TYR A 155 5.62 -6.07 -23.87
CA TYR A 155 6.51 -7.05 -23.26
C TYR A 155 7.97 -6.72 -23.56
N VAL A 156 8.84 -6.88 -22.56
CA VAL A 156 10.27 -6.65 -22.74
C VAL A 156 11.06 -7.95 -22.64
N ASN A 157 11.88 -8.21 -23.66
CA ASN A 157 12.73 -9.40 -23.72
C ASN A 157 11.99 -10.71 -23.42
N GLY A 158 10.73 -10.77 -23.82
CA GLY A 158 9.92 -11.97 -23.68
C GLY A 158 9.82 -12.48 -22.25
N LYS A 159 10.00 -11.59 -21.29
CA LYS A 159 10.20 -11.96 -19.90
C LYS A 159 9.43 -11.08 -18.93
N TYR A 160 9.27 -9.80 -19.29
CA TYR A 160 8.57 -8.84 -18.45
C TYR A 160 7.37 -8.28 -19.17
N GLN A 161 6.26 -8.13 -18.46
CA GLN A 161 5.10 -7.41 -19.00
C GLN A 161 4.90 -6.10 -18.23
N LEU A 162 4.68 -5.02 -18.98
CA LEU A 162 4.41 -3.72 -18.36
C LEU A 162 3.06 -3.75 -17.65
N ASN A 163 2.98 -3.04 -16.53
CA ASN A 163 1.79 -3.08 -15.67
C ASN A 163 1.36 -1.66 -15.26
N PRO A 164 0.71 -0.93 -16.18
CA PRO A 164 0.31 0.47 -15.99
C PRO A 164 -0.59 0.68 -14.79
N GLN A 165 -1.29 -0.37 -14.37
CA GLN A 165 -2.17 -0.31 -13.22
C GLN A 165 -1.37 0.02 -11.96
N GLY A 166 -0.12 -0.42 -11.95
CA GLY A 166 0.77 -0.17 -10.83
C GLY A 166 1.59 1.10 -11.01
N MET A 167 1.27 1.86 -12.04
CA MET A 167 1.90 3.17 -12.25
C MET A 167 0.98 4.26 -11.74
N ASP A 168 1.46 5.49 -11.78
CA ASP A 168 0.69 6.64 -11.34
C ASP A 168 -0.15 7.17 -12.49
N THR A 169 -1.45 6.91 -12.40
CA THR A 169 -2.39 7.27 -13.45
C THR A 169 -3.21 8.50 -13.06
N SER A 170 -2.76 9.21 -12.03
CA SER A 170 -3.45 10.40 -11.54
C SER A 170 -3.13 11.61 -12.41
N ASN A 171 -2.14 11.45 -13.29
CA ASN A 171 -1.71 12.49 -14.21
C ASN A 171 -1.13 11.80 -15.42
N MET A 172 -1.55 12.21 -16.61
CA MET A 172 -1.16 11.50 -17.82
C MET A 172 0.26 11.84 -18.26
N ASP A 173 0.69 13.08 -18.08
CA ASP A 173 2.07 13.45 -18.41
C ASP A 173 3.04 12.66 -17.55
N VAL A 174 2.67 12.48 -16.29
CA VAL A 174 3.45 11.70 -15.36
C VAL A 174 3.47 10.25 -15.79
N PHE A 175 2.28 9.71 -16.00
CA PHE A 175 2.09 8.31 -16.33
C PHE A 175 2.89 7.88 -17.55
N VAL A 176 2.85 8.70 -18.59
CA VAL A 176 3.59 8.44 -19.81
C VAL A 176 5.10 8.40 -19.56
N ALA A 177 5.60 9.34 -18.77
CA ALA A 177 7.02 9.41 -18.46
C ALA A 177 7.43 8.18 -17.66
N GLN A 178 6.51 7.71 -16.82
CA GLN A 178 6.77 6.56 -15.97
C GLN A 178 6.78 5.28 -16.77
N TYR A 179 5.88 5.21 -17.76
CA TYR A 179 5.80 4.06 -18.64
C TYR A 179 7.07 3.96 -19.47
N ALA A 180 7.50 5.10 -20.02
CA ALA A 180 8.70 5.16 -20.84
C ALA A 180 9.94 4.76 -20.05
N ASP A 181 10.04 5.24 -18.81
CA ASP A 181 11.21 4.98 -18.00
C ASP A 181 11.24 3.53 -17.54
N THR A 182 10.07 2.97 -17.23
CA THR A 182 9.98 1.58 -16.81
C THR A 182 10.53 0.66 -17.90
N VAL A 183 10.19 0.95 -19.14
CA VAL A 183 10.65 0.14 -20.26
C VAL A 183 12.16 0.26 -20.37
N LYS A 184 12.65 1.49 -20.35
CA LYS A 184 14.08 1.76 -20.38
C LYS A 184 14.84 0.96 -19.32
N GLN A 185 14.32 0.96 -18.10
CA GLN A 185 14.97 0.25 -17.02
C GLN A 185 14.95 -1.25 -17.28
N LEU A 186 13.85 -1.74 -17.83
CA LEU A 186 13.69 -3.17 -18.08
C LEU A 186 14.63 -3.68 -19.18
N VAL A 187 14.93 -2.84 -20.17
CA VAL A 187 15.79 -3.27 -21.28
C VAL A 187 17.26 -3.23 -20.87
N GLU A 188 17.59 -2.36 -19.92
CA GLU A 188 18.95 -2.29 -19.39
C GLU A 188 19.16 -3.38 -18.33
N LYS A 189 18.19 -4.28 -18.23
CA LYS A 189 18.15 -5.28 -17.17
C LYS A 189 18.09 -6.67 -17.77
N SER B 1 17.13 21.07 37.72
CA SER B 1 16.43 22.10 36.91
C SER B 1 17.38 22.72 35.90
N ASN B 2 16.87 23.69 35.15
CA ASN B 2 17.66 24.40 34.16
C ASN B 2 18.08 25.75 34.69
N ALA B 3 18.87 26.47 33.90
CA ALA B 3 19.35 27.79 34.30
C ALA B 3 18.79 28.85 33.37
N GLN B 4 18.81 30.09 33.84
CA GLN B 4 18.29 31.19 33.07
C GLN B 4 19.12 31.39 31.81
N ILE B 5 18.43 31.74 30.74
CA ILE B 5 19.02 31.85 29.42
C ILE B 5 19.50 33.29 29.22
N THR B 6 20.50 33.50 28.36
CA THR B 6 21.16 34.80 28.26
C THR B 6 21.28 35.33 26.84
N ASP B 7 20.87 36.60 26.66
CA ASP B 7 20.93 37.26 25.37
C ASP B 7 22.36 37.36 24.85
N GLY B 8 22.54 37.01 23.58
CA GLY B 8 23.85 37.05 22.96
C GLY B 8 24.52 35.69 22.99
N LYS B 9 23.97 34.78 23.80
CA LYS B 9 24.55 33.46 23.97
C LYS B 9 23.70 32.36 23.31
N GLN B 10 22.65 31.91 23.98
CA GLN B 10 21.81 30.85 23.45
C GLN B 10 20.79 31.41 22.46
N TYR B 11 20.62 32.72 22.47
CA TYR B 11 19.71 33.36 21.54
C TYR B 11 20.12 34.77 21.24
N ILE B 12 19.53 35.29 20.17
CA ILE B 12 19.78 36.64 19.72
C ILE B 12 18.47 37.40 19.74
N THR B 13 18.53 38.66 20.15
CA THR B 13 17.40 39.55 20.09
C THR B 13 17.52 40.39 18.83
N LEU B 14 16.55 40.28 17.94
CA LEU B 14 16.58 41.01 16.68
C LEU B 14 16.50 42.50 16.93
N ASP B 15 17.25 43.26 16.15
CA ASP B 15 17.20 44.72 16.24
C ASP B 15 15.86 45.19 15.70
N LYS B 16 15.34 44.46 14.72
CA LYS B 16 14.05 44.77 14.11
C LYS B 16 13.05 43.62 14.23
N PRO B 17 12.41 43.51 15.41
CA PRO B 17 11.40 42.46 15.59
C PRO B 17 10.18 42.69 14.71
N ILE B 18 9.56 41.61 14.30
CA ILE B 18 8.45 41.65 13.36
C ILE B 18 7.20 41.13 14.05
N ALA B 19 6.08 41.81 13.83
CA ALA B 19 4.83 41.45 14.47
C ALA B 19 3.98 40.54 13.58
N GLY B 20 3.22 39.66 14.21
CA GLY B 20 2.22 38.86 13.51
C GLY B 20 2.78 37.55 13.01
N GLU B 21 3.96 37.18 13.50
CA GLU B 21 4.64 35.97 13.06
C GLU B 21 4.19 34.80 13.92
N PRO B 22 4.39 33.56 13.43
CA PRO B 22 4.12 32.41 14.31
C PRO B 22 5.01 32.46 15.53
N GLN B 23 4.53 31.86 16.62
CA GLN B 23 5.25 31.90 17.88
C GLN B 23 6.63 31.30 17.75
N VAL B 24 6.68 30.10 17.16
CA VAL B 24 7.94 29.38 16.99
C VAL B 24 8.11 29.02 15.53
N LEU B 25 8.96 29.75 14.84
CA LEU B 25 9.11 29.59 13.40
C LEU B 25 10.49 29.11 13.00
N GLU B 26 10.53 27.92 12.42
CA GLU B 26 11.75 27.34 11.90
C GLU B 26 11.84 27.55 10.39
N PHE B 27 13.07 27.71 9.90
CA PHE B 27 13.35 27.75 8.47
C PHE B 27 14.27 26.60 8.10
N PHE B 28 14.04 25.99 6.95
CA PHE B 28 14.89 24.89 6.51
C PHE B 28 14.89 24.73 4.99
N SER B 29 15.69 23.76 4.54
CA SER B 29 15.66 23.28 3.16
C SER B 29 15.99 21.81 3.14
N PHE B 30 15.34 21.08 2.25
CA PHE B 30 15.60 19.65 2.08
C PHE B 30 16.98 19.39 1.47
N TYR B 31 17.59 20.42 0.90
CA TYR B 31 18.92 20.30 0.30
C TYR B 31 20.01 20.44 1.34
N CYS B 32 19.69 21.09 2.45
CA CYS B 32 20.70 21.43 3.44
C CYS B 32 21.04 20.22 4.32
N PRO B 33 22.33 19.83 4.37
CA PRO B 33 22.74 18.68 5.18
C PRO B 33 22.65 18.94 6.67
N HIS B 34 22.85 20.19 7.09
CA HIS B 34 22.69 20.56 8.49
C HIS B 34 21.23 20.41 8.90
N CYS B 35 20.33 20.75 7.98
CA CYS B 35 18.90 20.59 8.22
C CYS B 35 18.50 19.12 8.33
N TYR B 36 19.15 18.28 7.54
CA TYR B 36 18.94 16.83 7.62
C TYR B 36 19.24 16.33 9.03
N GLN B 37 20.37 16.77 9.58
CA GLN B 37 20.79 16.38 10.92
C GLN B 37 19.81 16.90 11.94
N PHE B 38 19.47 18.17 11.78
CA PHE B 38 18.53 18.85 12.64
C PHE B 38 17.23 18.06 12.76
N GLU B 39 16.73 17.61 11.62
CA GLU B 39 15.42 16.96 11.55
C GLU B 39 15.45 15.46 11.71
N GLU B 40 16.33 14.78 10.98
CA GLU B 40 16.23 13.33 10.82
C GLU B 40 17.20 12.53 11.68
N VAL B 41 18.20 13.20 12.23
CA VAL B 41 19.15 12.54 13.13
C VAL B 41 18.90 13.00 14.56
N LEU B 42 18.93 14.30 14.78
CA LEU B 42 18.82 14.86 16.13
C LEU B 42 17.38 15.10 16.54
N HIS B 43 16.51 15.36 15.55
CA HIS B 43 15.11 15.58 15.80
C HIS B 43 14.89 16.75 16.74
N VAL B 44 15.60 17.84 16.47
CA VAL B 44 15.54 19.02 17.33
C VAL B 44 14.13 19.56 17.42
N SER B 45 13.51 19.78 16.27
CA SER B 45 12.17 20.36 16.22
C SER B 45 11.16 19.48 16.97
N ASP B 46 11.35 18.17 16.92
CA ASP B 46 10.47 17.25 17.62
C ASP B 46 10.69 17.33 19.12
N ASN B 47 11.93 17.58 19.53
CA ASN B 47 12.26 17.72 20.95
C ASN B 47 11.78 19.06 21.50
N VAL B 48 11.85 20.10 20.68
CA VAL B 48 11.34 21.40 21.06
C VAL B 48 9.84 21.30 21.35
N ARG B 49 9.12 20.60 20.49
CA ARG B 49 7.68 20.45 20.62
C ARG B 49 7.32 19.80 21.96
N GLN B 50 8.00 18.70 22.28
CA GLN B 50 7.74 17.97 23.51
C GLN B 50 7.80 18.85 24.76
N LYS B 51 8.60 19.92 24.69
CA LYS B 51 8.81 20.80 25.84
C LYS B 51 8.08 22.12 25.68
N LEU B 52 7.35 22.29 24.57
CA LEU B 52 6.65 23.53 24.33
C LEU B 52 5.47 23.70 25.28
N PRO B 53 5.22 24.94 25.74
CA PRO B 53 4.03 25.27 26.54
C PRO B 53 2.74 24.78 25.90
N GLU B 54 1.84 24.26 26.74
CA GLU B 54 0.54 23.78 26.29
C GLU B 54 -0.15 24.82 25.42
N GLY B 55 -0.52 24.43 24.21
CA GLY B 55 -1.26 25.30 23.32
C GLY B 55 -0.40 26.06 22.31
N THR B 56 0.91 25.97 22.44
CA THR B 56 1.82 26.63 21.51
C THR B 56 2.18 25.70 20.36
N LYS B 57 2.32 26.28 19.17
CA LYS B 57 2.57 25.50 17.96
C LYS B 57 3.96 25.71 17.39
N MET B 58 4.46 24.68 16.74
CA MET B 58 5.68 24.76 15.96
C MET B 58 5.30 24.97 14.52
N THR B 59 6.01 25.88 13.85
CA THR B 59 5.77 26.15 12.44
C THR B 59 7.09 26.10 11.68
N LYS B 60 7.05 25.49 10.49
CA LYS B 60 8.23 25.38 9.64
C LYS B 60 7.97 25.95 8.25
N TYR B 61 8.87 26.82 7.82
CA TYR B 61 8.86 27.32 6.45
C TYR B 61 10.08 26.76 5.70
N HIS B 62 9.93 26.63 4.39
CA HIS B 62 10.99 26.14 3.53
C HIS B 62 11.59 27.32 2.79
N VAL B 63 12.87 27.20 2.40
CA VAL B 63 13.56 28.30 1.70
C VAL B 63 13.87 27.98 0.25
N GLU B 64 14.13 29.03 -0.52
CA GLU B 64 14.27 28.92 -1.96
C GLU B 64 15.72 29.03 -2.43
N PHE B 65 16.59 29.60 -1.62
CA PHE B 65 17.92 30.00 -2.10
C PHE B 65 18.90 28.84 -2.28
N LEU B 66 18.53 27.65 -1.82
CA LEU B 66 19.39 26.47 -1.97
C LEU B 66 18.89 25.48 -3.00
N GLY B 67 19.79 25.06 -3.88
CA GLY B 67 19.53 23.94 -4.78
C GLY B 67 18.82 24.32 -6.05
N PRO B 68 18.81 23.41 -7.02
CA PRO B 68 18.20 23.64 -8.34
C PRO B 68 16.68 23.66 -8.31
N LEU B 69 16.06 23.08 -7.28
CA LEU B 69 14.59 23.04 -7.18
C LEU B 69 14.08 23.69 -5.90
N GLY B 70 14.81 24.67 -5.39
CA GLY B 70 14.47 25.31 -4.13
C GLY B 70 13.11 25.97 -4.19
N LYS B 71 12.88 26.71 -5.26
CA LYS B 71 11.62 27.40 -5.50
C LYS B 71 10.46 26.41 -5.51
N ASP B 72 10.64 25.30 -6.23
CA ASP B 72 9.56 24.33 -6.39
C ASP B 72 9.31 23.52 -5.13
N LEU B 73 10.37 23.23 -4.38
CA LEU B 73 10.23 22.52 -3.12
C LEU B 73 9.50 23.38 -2.09
N THR B 74 9.70 24.68 -2.16
CA THR B 74 9.04 25.60 -1.25
C THR B 74 7.54 25.60 -1.54
N GLN B 75 7.19 25.55 -2.82
CA GLN B 75 5.79 25.46 -3.22
C GLN B 75 5.23 24.10 -2.84
N ALA B 76 6.06 23.07 -2.94
CA ALA B 76 5.64 21.72 -2.57
C ALA B 76 5.43 21.63 -1.05
N TRP B 77 6.17 22.45 -0.31
CA TRP B 77 6.06 22.46 1.13
C TRP B 77 4.78 23.17 1.53
N ALA B 78 4.43 24.20 0.77
CA ALA B 78 3.17 24.89 0.95
C ALA B 78 2.02 23.92 0.75
N VAL B 79 2.17 23.03 -0.22
CA VAL B 79 1.18 22.01 -0.49
C VAL B 79 1.04 21.08 0.71
N ALA B 80 2.19 20.72 1.30
CA ALA B 80 2.22 19.85 2.46
C ALA B 80 1.46 20.49 3.62
N ILE B 81 1.65 21.79 3.80
CA ILE B 81 0.96 22.53 4.84
C ILE B 81 -0.52 22.56 4.50
N ALA B 82 -0.82 22.88 3.24
CA ALA B 82 -2.19 23.04 2.77
C ALA B 82 -3.01 21.76 2.93
N LEU B 83 -2.36 20.61 2.80
CA LEU B 83 -3.04 19.33 2.90
C LEU B 83 -2.86 18.69 4.28
N GLY B 84 -2.02 19.29 5.11
CA GLY B 84 -1.76 18.78 6.45
C GLY B 84 -1.08 17.43 6.45
N VAL B 85 -0.07 17.26 5.59
CA VAL B 85 0.65 16.00 5.48
C VAL B 85 2.15 16.22 5.64
N GLU B 86 2.51 17.25 6.39
CA GLU B 86 3.91 17.58 6.63
C GLU B 86 4.60 16.41 7.32
N ASP B 87 3.88 15.79 8.25
CA ASP B 87 4.44 14.70 9.05
C ASP B 87 4.53 13.41 8.26
N LYS B 88 3.99 13.39 7.05
CA LYS B 88 4.04 12.19 6.21
C LYS B 88 5.22 12.22 5.23
N ILE B 89 5.63 13.41 4.82
CA ILE B 89 6.53 13.54 3.67
C ILE B 89 7.88 14.18 4.01
N THR B 90 8.04 14.64 5.24
CA THR B 90 9.28 15.30 5.63
C THR B 90 10.48 14.35 5.50
N ALA B 91 10.37 13.16 6.08
CA ALA B 91 11.46 12.20 6.06
C ALA B 91 11.71 11.60 4.67
N PRO B 92 10.65 11.13 3.99
CA PRO B 92 10.82 10.60 2.64
C PRO B 92 11.48 11.60 1.70
N MET B 93 11.12 12.87 1.84
CA MET B 93 11.65 13.91 0.97
C MET B 93 13.12 14.19 1.30
N PHE B 94 13.45 14.19 2.58
CA PHE B 94 14.83 14.42 3.00
C PHE B 94 15.75 13.34 2.44
N GLU B 95 15.33 12.10 2.58
CA GLU B 95 16.09 10.96 2.11
C GLU B 95 16.21 10.96 0.59
N ALA B 96 15.11 11.31 -0.08
CA ALA B 96 15.06 11.29 -1.54
C ALA B 96 15.91 12.40 -2.15
N VAL B 97 15.95 13.55 -1.48
CA VAL B 97 16.69 14.70 -1.99
C VAL B 97 18.19 14.57 -1.72
N GLN B 98 18.54 13.98 -0.58
CA GLN B 98 19.93 14.00 -0.11
C GLN B 98 20.67 12.66 -0.17
N LYS B 99 19.98 11.56 0.10
CA LYS B 99 20.64 10.26 0.17
C LYS B 99 20.54 9.48 -1.14
N THR B 100 19.33 9.12 -1.53
CA THR B 100 19.13 8.42 -2.80
C THR B 100 19.22 9.41 -3.97
N GLN B 101 19.02 10.69 -3.68
CA GLN B 101 19.12 11.75 -4.69
C GLN B 101 18.27 11.47 -5.94
N THR B 102 17.06 10.98 -5.72
CA THR B 102 16.14 10.70 -6.82
C THR B 102 15.28 11.91 -7.18
N VAL B 103 15.57 13.07 -6.59
CA VAL B 103 14.82 14.28 -6.89
C VAL B 103 15.66 15.21 -7.75
N GLN B 104 15.37 15.19 -9.04
CA GLN B 104 16.11 15.99 -10.01
C GLN B 104 15.17 16.92 -10.75
N SER B 105 13.87 16.60 -10.71
CA SER B 105 12.86 17.40 -11.38
C SER B 105 11.68 17.67 -10.47
N VAL B 106 10.82 18.59 -10.90
CA VAL B 106 9.60 18.91 -10.19
C VAL B 106 8.70 17.68 -10.14
N ALA B 107 8.69 16.92 -11.22
CA ALA B 107 7.90 15.70 -11.30
C ALA B 107 8.34 14.70 -10.23
N ASP B 108 9.64 14.73 -9.89
CA ASP B 108 10.18 13.83 -8.89
C ASP B 108 9.70 14.22 -7.50
N ILE B 109 9.55 15.52 -7.27
CA ILE B 109 9.04 16.04 -6.00
C ILE B 109 7.65 15.48 -5.73
N ARG B 110 6.80 15.55 -6.74
CA ARG B 110 5.43 15.10 -6.66
C ARG B 110 5.35 13.61 -6.32
N LYS B 111 6.25 12.82 -6.90
CA LYS B 111 6.24 11.38 -6.71
C LYS B 111 6.46 11.00 -5.23
N VAL B 112 7.30 11.76 -4.55
CA VAL B 112 7.57 11.51 -3.14
C VAL B 112 6.28 11.57 -2.33
N PHE B 113 5.45 12.57 -2.61
CA PHE B 113 4.16 12.70 -1.97
C PHE B 113 3.27 11.51 -2.30
N VAL B 114 3.23 11.16 -3.58
CA VAL B 114 2.40 10.08 -4.05
C VAL B 114 2.86 8.77 -3.40
N ASP B 115 4.17 8.57 -3.34
CA ASP B 115 4.72 7.37 -2.73
C ASP B 115 4.40 7.32 -1.24
N ALA B 116 4.20 8.50 -0.64
CA ALA B 116 3.96 8.60 0.80
C ALA B 116 2.49 8.37 1.17
N GLY B 117 1.63 8.24 0.17
CA GLY B 117 0.23 7.96 0.42
C GLY B 117 -0.69 9.12 0.07
N VAL B 118 -0.15 10.13 -0.58
CA VAL B 118 -0.92 11.28 -0.99
C VAL B 118 -1.48 11.03 -2.39
N LYS B 119 -2.73 11.43 -2.61
CA LYS B 119 -3.34 11.32 -3.93
C LYS B 119 -2.81 12.42 -4.84
N GLY B 120 -2.45 12.05 -6.06
CA GLY B 120 -1.92 13.01 -7.02
C GLY B 120 -2.97 14.02 -7.41
N GLU B 121 -4.23 13.62 -7.33
CA GLU B 121 -5.33 14.52 -7.62
C GLU B 121 -5.38 15.62 -6.57
N ASP B 122 -5.12 15.25 -5.32
CA ASP B 122 -5.09 16.21 -4.22
C ASP B 122 -3.86 17.10 -4.30
N TYR B 123 -2.72 16.51 -4.67
CA TYR B 123 -1.49 17.26 -4.84
C TYR B 123 -1.65 18.34 -5.91
N ASP B 124 -2.20 17.93 -7.05
CA ASP B 124 -2.26 18.81 -8.20
C ASP B 124 -3.25 19.94 -7.94
N ALA B 125 -4.30 19.64 -7.20
CA ALA B 125 -5.29 20.65 -6.83
C ALA B 125 -4.65 21.69 -5.91
N ALA B 126 -3.96 21.22 -4.89
CA ALA B 126 -3.29 22.09 -3.94
C ALA B 126 -2.21 22.91 -4.62
N TRP B 127 -1.45 22.25 -5.51
CA TRP B 127 -0.35 22.90 -6.20
C TRP B 127 -0.79 24.19 -6.89
N ASN B 128 -1.95 24.13 -7.54
CA ASN B 128 -2.45 25.25 -8.31
C ASN B 128 -3.48 26.08 -7.55
N SER B 129 -3.60 25.83 -6.25
CA SER B 129 -4.56 26.57 -5.42
C SER B 129 -4.00 27.93 -5.03
N PHE B 130 -4.91 28.89 -4.84
CA PHE B 130 -4.51 30.26 -4.52
C PHE B 130 -3.96 30.37 -3.10
N VAL B 131 -4.35 29.44 -2.24
CA VAL B 131 -3.88 29.45 -0.87
C VAL B 131 -2.41 29.06 -0.85
N VAL B 132 -2.06 28.04 -1.62
CA VAL B 132 -0.67 27.61 -1.74
C VAL B 132 0.15 28.76 -2.30
N LYS B 133 -0.44 29.51 -3.23
CA LYS B 133 0.22 30.68 -3.78
C LYS B 133 0.53 31.71 -2.69
N SER B 134 -0.36 31.84 -1.71
CA SER B 134 -0.15 32.80 -0.64
C SER B 134 0.85 32.24 0.36
N LEU B 135 0.84 30.91 0.53
CA LEU B 135 1.78 30.24 1.43
C LEU B 135 3.21 30.38 0.93
N VAL B 136 3.38 30.33 -0.38
CA VAL B 136 4.68 30.57 -0.98
C VAL B 136 5.13 31.99 -0.65
N ALA B 137 4.27 32.95 -0.95
CA ALA B 137 4.56 34.36 -0.69
C ALA B 137 4.89 34.59 0.78
N GLN B 138 4.21 33.85 1.65
CA GLN B 138 4.36 34.03 3.09
C GLN B 138 5.70 33.50 3.59
N GLN B 139 6.13 32.37 3.06
CA GLN B 139 7.43 31.83 3.42
C GLN B 139 8.53 32.75 2.92
N GLU B 140 8.34 33.28 1.71
CA GLU B 140 9.28 34.22 1.13
C GLU B 140 9.38 35.49 1.96
N LYS B 141 8.23 36.05 2.32
CA LYS B 141 8.16 37.31 3.06
C LYS B 141 8.74 37.18 4.46
N ALA B 142 8.48 36.04 5.11
CA ALA B 142 8.91 35.85 6.49
C ALA B 142 10.43 35.85 6.60
N ALA B 143 11.06 35.16 5.66
CA ALA B 143 12.52 35.06 5.63
C ALA B 143 13.14 36.43 5.40
N ALA B 144 12.43 37.27 4.65
CA ALA B 144 12.92 38.61 4.33
C ALA B 144 12.74 39.56 5.52
N ASP B 145 11.59 39.46 6.18
CA ASP B 145 11.29 40.33 7.32
C ASP B 145 12.22 40.04 8.48
N LEU B 146 12.46 38.76 8.71
CA LEU B 146 13.30 38.32 9.83
C LEU B 146 14.77 38.35 9.44
N GLN B 147 15.05 38.71 8.20
CA GLN B 147 16.42 38.87 7.73
C GLN B 147 17.21 37.58 7.95
N LEU B 148 16.59 36.47 7.56
CA LEU B 148 17.23 35.16 7.61
C LEU B 148 18.48 35.16 6.77
N GLN B 149 19.58 34.67 7.35
CA GLN B 149 20.86 34.62 6.64
C GLN B 149 21.24 33.19 6.26
N GLY B 150 20.59 32.21 6.89
CA GLY B 150 20.86 30.83 6.57
C GLY B 150 20.01 29.85 7.37
N VAL B 151 20.06 28.59 6.95
CA VAL B 151 19.34 27.51 7.64
C VAL B 151 20.33 26.47 8.15
N PRO B 152 19.93 25.69 9.18
CA PRO B 152 18.65 25.81 9.87
C PRO B 152 18.59 27.00 10.81
N ALA B 153 17.40 27.58 10.96
CA ALA B 153 17.20 28.72 11.85
C ALA B 153 15.85 28.59 12.52
N MET B 154 15.72 29.25 13.67
CA MET B 154 14.45 29.26 14.39
C MET B 154 14.26 30.59 15.09
N TYR B 155 13.05 31.13 14.97
CA TYR B 155 12.71 32.41 15.59
C TYR B 155 11.54 32.25 16.54
N VAL B 156 11.62 32.96 17.67
CA VAL B 156 10.54 32.93 18.66
C VAL B 156 9.85 34.29 18.77
N ASN B 157 8.53 34.26 18.60
CA ASN B 157 7.65 35.44 18.68
C ASN B 157 8.14 36.65 17.87
N GLY B 158 8.85 36.39 16.77
CA GLY B 158 9.31 37.44 15.90
C GLY B 158 10.28 38.41 16.58
N LYS B 159 10.79 38.01 17.74
CA LYS B 159 11.68 38.85 18.54
C LYS B 159 13.06 38.23 18.62
N TYR B 160 13.09 36.92 18.87
CA TYR B 160 14.32 36.23 19.23
C TYR B 160 14.72 35.17 18.23
N GLN B 161 16.01 35.14 17.92
CA GLN B 161 16.58 34.10 17.09
C GLN B 161 17.42 33.14 17.92
N LEU B 162 17.22 31.85 17.71
CA LEU B 162 17.98 30.82 18.39
C LEU B 162 19.44 30.83 17.93
N ASN B 163 20.36 30.58 18.87
CA ASN B 163 21.78 30.60 18.57
C ASN B 163 22.50 29.34 19.09
N PRO B 164 22.50 28.26 18.30
CA PRO B 164 23.11 26.98 18.69
C PRO B 164 24.61 27.06 18.90
N GLN B 165 25.24 28.05 18.27
CA GLN B 165 26.68 28.22 18.36
C GLN B 165 27.07 28.60 19.78
N GLY B 166 26.13 29.15 20.53
CA GLY B 166 26.35 29.56 21.90
C GLY B 166 25.66 28.63 22.89
N MET B 167 25.50 27.38 22.49
CA MET B 167 24.99 26.34 23.38
C MET B 167 26.06 25.29 23.59
N ASP B 168 25.80 24.34 24.49
CA ASP B 168 26.73 23.26 24.75
C ASP B 168 26.66 22.26 23.61
N THR B 169 27.64 22.37 22.72
CA THR B 169 27.74 21.56 21.52
C THR B 169 28.52 20.26 21.77
N SER B 170 29.21 20.18 22.91
CA SER B 170 30.10 19.06 23.23
C SER B 170 29.40 17.70 23.22
N ASN B 171 28.08 17.70 23.27
CA ASN B 171 27.29 16.48 23.31
C ASN B 171 25.94 16.76 22.68
N MET B 172 25.46 15.82 21.87
CA MET B 172 24.26 16.03 21.08
C MET B 172 22.98 15.91 21.90
N ASP B 173 22.93 14.94 22.80
CA ASP B 173 21.80 14.81 23.71
C ASP B 173 21.66 16.07 24.54
N VAL B 174 22.78 16.51 25.11
CA VAL B 174 22.82 17.74 25.89
C VAL B 174 22.44 18.92 25.02
N PHE B 175 22.94 18.95 23.79
CA PHE B 175 22.70 20.06 22.90
C PHE B 175 21.22 20.20 22.56
N VAL B 176 20.61 19.08 22.21
CA VAL B 176 19.23 19.06 21.75
C VAL B 176 18.28 19.53 22.86
N ALA B 177 18.54 19.03 24.08
CA ALA B 177 17.70 19.37 25.23
C ALA B 177 17.82 20.84 25.57
N GLN B 178 19.02 21.38 25.41
CA GLN B 178 19.26 22.79 25.70
C GLN B 178 18.56 23.68 24.68
N TYR B 179 18.60 23.27 23.42
CA TYR B 179 17.92 23.99 22.35
C TYR B 179 16.44 24.05 22.68
N ALA B 180 15.89 22.91 23.10
CA ALA B 180 14.47 22.81 23.40
C ALA B 180 14.11 23.66 24.62
N ASP B 181 14.96 23.60 25.64
CA ASP B 181 14.72 24.34 26.86
C ASP B 181 14.86 25.83 26.59
N THR B 182 15.75 26.18 25.65
CA THR B 182 15.94 27.56 25.26
C THR B 182 14.67 28.13 24.62
N VAL B 183 14.04 27.34 23.76
CA VAL B 183 12.80 27.76 23.10
C VAL B 183 11.72 27.94 24.14
N LYS B 184 11.60 26.95 25.03
CA LYS B 184 10.63 26.97 26.10
C LYS B 184 10.69 28.30 26.87
N GLN B 185 11.90 28.68 27.25
CA GLN B 185 12.11 29.91 28.02
C GLN B 185 11.75 31.14 27.23
N LEU B 186 12.11 31.16 25.95
CA LEU B 186 11.85 32.32 25.11
C LEU B 186 10.36 32.52 24.88
N VAL B 187 9.63 31.41 24.79
CA VAL B 187 8.18 31.47 24.61
C VAL B 187 7.55 32.07 25.86
N GLU B 188 7.97 31.54 27.00
CA GLU B 188 7.50 32.00 28.30
C GLU B 188 7.87 33.46 28.55
N LYS B 189 8.89 33.93 27.83
CA LYS B 189 9.33 35.31 27.94
C LYS B 189 8.42 36.23 27.13
N GLN C 4 -22.94 -8.64 4.79
CA GLN C 4 -22.22 -7.47 5.27
C GLN C 4 -21.23 -6.96 4.22
N ILE C 5 -21.77 -6.38 3.15
CA ILE C 5 -20.94 -5.98 2.00
C ILE C 5 -20.47 -4.53 2.11
N THR C 6 -19.37 -4.25 1.41
CA THR C 6 -18.68 -2.97 1.54
C THR C 6 -18.22 -2.44 0.19
N ASP C 7 -18.38 -1.14 -0.01
CA ASP C 7 -17.95 -0.49 -1.22
C ASP C 7 -16.43 -0.62 -1.38
N GLY C 8 -15.97 -0.80 -2.61
CA GLY C 8 -14.56 -1.00 -2.88
C GLY C 8 -14.18 -2.46 -2.83
N LYS C 9 -15.04 -3.28 -2.23
CA LYS C 9 -14.77 -4.70 -2.02
C LYS C 9 -15.57 -5.58 -2.96
N GLN C 10 -16.75 -6.02 -2.53
CA GLN C 10 -17.58 -6.91 -3.34
C GLN C 10 -18.20 -6.15 -4.50
N TYR C 11 -18.12 -4.82 -4.44
CA TYR C 11 -18.68 -4.00 -5.50
C TYR C 11 -18.00 -2.65 -5.56
N ILE C 12 -18.39 -1.90 -6.57
CA ILE C 12 -17.83 -0.58 -6.83
C ILE C 12 -18.99 0.37 -7.05
N THR C 13 -18.79 1.62 -6.67
CA THR C 13 -19.81 2.64 -6.87
C THR C 13 -19.34 3.57 -7.99
N LEU C 14 -20.10 3.61 -9.08
CA LEU C 14 -19.69 4.36 -10.27
C LEU C 14 -19.49 5.84 -9.99
N ASP C 15 -18.57 6.44 -10.75
CA ASP C 15 -18.30 7.87 -10.61
C ASP C 15 -19.43 8.70 -11.18
N LYS C 16 -19.90 8.32 -12.36
CA LYS C 16 -21.10 8.92 -12.93
C LYS C 16 -22.17 7.85 -13.14
N PRO C 17 -23.08 7.70 -12.16
CA PRO C 17 -24.17 6.74 -12.34
C PRO C 17 -25.13 7.17 -13.44
N ILE C 18 -25.87 6.20 -13.96
CA ILE C 18 -26.76 6.41 -15.10
C ILE C 18 -28.21 6.13 -14.73
N ALA C 19 -29.09 7.01 -15.17
CA ALA C 19 -30.51 6.90 -14.87
C ALA C 19 -31.26 6.25 -16.03
N GLY C 20 -32.26 5.44 -15.70
CA GLY C 20 -33.11 4.84 -16.70
C GLY C 20 -32.66 3.45 -17.09
N GLU C 21 -31.70 2.92 -16.36
CA GLU C 21 -31.10 1.64 -16.69
C GLU C 21 -31.90 0.51 -16.02
N PRO C 22 -31.83 -0.70 -16.60
CA PRO C 22 -32.39 -1.89 -15.93
C PRO C 22 -31.81 -2.08 -14.54
N GLN C 23 -32.62 -2.66 -13.65
CA GLN C 23 -32.24 -2.80 -12.25
C GLN C 23 -31.01 -3.68 -12.06
N VAL C 24 -30.96 -4.78 -12.80
CA VAL C 24 -29.82 -5.68 -12.75
C VAL C 24 -29.43 -6.00 -14.18
N LEU C 25 -28.32 -5.43 -14.61
CA LEU C 25 -27.93 -5.47 -16.01
C LEU C 25 -26.58 -6.14 -16.20
N GLU C 26 -26.60 -7.29 -16.87
CA GLU C 26 -25.38 -8.03 -17.17
C GLU C 26 -24.93 -7.78 -18.61
N PHE C 27 -23.62 -7.66 -18.79
CA PHE C 27 -23.00 -7.61 -20.10
C PHE C 27 -22.17 -8.87 -20.32
N PHE C 28 -22.28 -9.45 -21.51
CA PHE C 28 -21.54 -10.68 -21.81
C PHE C 28 -21.27 -10.85 -23.30
N SER C 29 -20.37 -11.79 -23.61
CA SER C 29 -20.08 -12.16 -24.99
C SER C 29 -19.97 -13.66 -25.12
N PHE C 30 -20.59 -14.21 -26.17
CA PHE C 30 -20.55 -15.65 -26.42
C PHE C 30 -19.16 -16.15 -26.79
N TYR C 31 -18.25 -15.25 -27.11
CA TYR C 31 -16.88 -15.62 -27.40
C TYR C 31 -16.08 -15.75 -26.11
N CYS C 32 -16.53 -15.08 -25.05
CA CYS C 32 -15.74 -14.97 -23.84
C CYS C 32 -15.76 -16.26 -23.01
N PRO C 33 -14.56 -16.80 -22.68
CA PRO C 33 -14.43 -18.00 -21.85
C PRO C 33 -15.01 -17.82 -20.46
N HIS C 34 -14.73 -16.69 -19.84
CA HIS C 34 -15.23 -16.40 -18.49
C HIS C 34 -16.75 -16.26 -18.49
N CYS C 35 -17.30 -15.74 -19.57
CA CYS C 35 -18.73 -15.64 -19.72
C CYS C 35 -19.34 -17.04 -19.78
N TYR C 36 -18.60 -17.96 -20.39
CA TYR C 36 -19.02 -19.35 -20.45
C TYR C 36 -19.04 -19.95 -19.04
N GLN C 37 -17.97 -19.70 -18.29
CA GLN C 37 -17.90 -20.09 -16.89
C GLN C 37 -19.07 -19.48 -16.14
N PHE C 38 -19.19 -18.16 -16.27
CA PHE C 38 -20.23 -17.38 -15.62
C PHE C 38 -21.60 -18.01 -15.83
N GLU C 39 -21.94 -18.26 -17.09
CA GLU C 39 -23.30 -18.64 -17.45
C GLU C 39 -23.56 -20.15 -17.42
N GLU C 40 -22.64 -20.92 -17.98
CA GLU C 40 -22.90 -22.34 -18.23
C GLU C 40 -22.26 -23.29 -17.23
N VAL C 41 -21.22 -22.84 -16.54
CA VAL C 41 -20.54 -23.68 -15.57
C VAL C 41 -20.92 -23.29 -14.14
N LEU C 42 -21.00 -21.99 -13.88
CA LEU C 42 -21.28 -21.50 -12.54
C LEU C 42 -22.74 -21.10 -12.35
N HIS C 43 -23.38 -20.72 -13.45
CA HIS C 43 -24.77 -20.25 -13.43
C HIS C 43 -25.00 -19.15 -12.40
N VAL C 44 -24.19 -18.10 -12.50
CA VAL C 44 -24.24 -16.99 -11.58
C VAL C 44 -25.54 -16.22 -11.73
N SER C 45 -25.84 -15.83 -12.96
CA SER C 45 -27.01 -15.01 -13.25
C SER C 45 -28.29 -15.69 -12.77
N ASP C 46 -28.31 -17.01 -12.83
CA ASP C 46 -29.48 -17.78 -12.40
C ASP C 46 -29.58 -17.76 -10.88
N ASN C 47 -28.46 -17.94 -10.20
CA ASN C 47 -28.43 -17.85 -8.74
C ASN C 47 -28.78 -16.44 -8.28
N VAL C 48 -28.30 -15.44 -9.01
CA VAL C 48 -28.66 -14.06 -8.74
C VAL C 48 -30.17 -13.92 -8.88
N ARG C 49 -30.69 -14.45 -9.98
CA ARG C 49 -32.10 -14.29 -10.34
C ARG C 49 -33.01 -14.93 -9.30
N GLN C 50 -32.60 -16.08 -8.79
CA GLN C 50 -33.37 -16.81 -7.80
C GLN C 50 -33.51 -16.05 -6.49
N LYS C 51 -32.46 -15.33 -6.12
CA LYS C 51 -32.42 -14.65 -4.83
C LYS C 51 -32.77 -13.18 -4.96
N LEU C 52 -33.22 -12.77 -6.14
CA LEU C 52 -33.62 -11.38 -6.36
C LEU C 52 -34.97 -11.09 -5.72
N PRO C 53 -35.12 -9.90 -5.12
CA PRO C 53 -36.44 -9.47 -4.66
C PRO C 53 -37.45 -9.57 -5.79
N GLU C 54 -38.68 -9.96 -5.48
CA GLU C 54 -39.67 -10.15 -6.52
C GLU C 54 -40.18 -8.80 -7.02
N GLY C 55 -40.42 -8.73 -8.33
CA GLY C 55 -40.72 -7.47 -8.98
C GLY C 55 -39.52 -6.93 -9.74
N THR C 56 -38.34 -7.49 -9.47
CA THR C 56 -37.12 -7.05 -10.12
C THR C 56 -36.58 -8.13 -11.04
N LYS C 57 -36.33 -7.75 -12.28
CA LYS C 57 -35.93 -8.69 -13.33
C LYS C 57 -34.44 -8.63 -13.62
N MET C 58 -33.95 -9.69 -14.24
CA MET C 58 -32.58 -9.77 -14.69
C MET C 58 -32.54 -9.44 -16.17
N THR C 59 -31.59 -8.60 -16.56
CA THR C 59 -31.43 -8.21 -17.96
C THR C 59 -30.01 -8.48 -18.43
N LYS C 60 -29.89 -9.12 -19.59
CA LYS C 60 -28.59 -9.40 -20.19
C LYS C 60 -28.46 -8.71 -21.55
N TYR C 61 -27.36 -7.98 -21.73
CA TYR C 61 -27.03 -7.39 -23.01
C TYR C 61 -25.76 -8.02 -23.57
N HIS C 62 -25.70 -8.19 -24.88
CA HIS C 62 -24.52 -8.71 -25.55
C HIS C 62 -23.63 -7.57 -26.03
N VAL C 63 -22.33 -7.83 -26.12
CA VAL C 63 -21.37 -6.81 -26.55
C VAL C 63 -20.77 -7.11 -27.91
N GLU C 64 -20.42 -6.05 -28.63
CA GLU C 64 -19.98 -6.16 -30.02
C GLU C 64 -18.46 -6.21 -30.21
N PHE C 65 -17.69 -5.84 -29.18
CA PHE C 65 -16.28 -5.60 -29.38
C PHE C 65 -15.49 -6.89 -29.59
N LEU C 66 -15.94 -7.96 -28.96
CA LEU C 66 -15.19 -9.22 -29.00
C LEU C 66 -15.57 -10.09 -30.21
N GLY C 67 -14.55 -10.50 -30.95
CA GLY C 67 -14.73 -11.51 -31.98
C GLY C 67 -15.19 -10.96 -33.31
N PRO C 68 -15.07 -11.78 -34.37
CA PRO C 68 -15.46 -11.37 -35.72
C PRO C 68 -16.96 -11.18 -35.89
N LEU C 69 -17.76 -11.93 -35.14
CA LEU C 69 -19.21 -11.87 -35.27
C LEU C 69 -19.89 -11.19 -34.07
N GLY C 70 -19.12 -10.45 -33.29
CA GLY C 70 -19.61 -9.81 -32.08
C GLY C 70 -20.80 -8.90 -32.35
N LYS C 71 -20.73 -8.19 -33.48
CA LYS C 71 -21.80 -7.29 -33.88
C LYS C 71 -23.05 -8.07 -34.28
N ASP C 72 -22.87 -9.10 -35.09
CA ASP C 72 -23.99 -9.93 -35.53
C ASP C 72 -24.63 -10.65 -34.35
N LEU C 73 -23.80 -11.05 -33.39
CA LEU C 73 -24.27 -11.77 -32.22
C LEU C 73 -25.09 -10.87 -31.31
N THR C 74 -24.81 -9.58 -31.35
CA THR C 74 -25.50 -8.62 -30.52
C THR C 74 -26.86 -8.32 -31.14
N GLN C 75 -26.90 -8.37 -32.47
CA GLN C 75 -28.16 -8.20 -33.19
C GLN C 75 -29.02 -9.43 -33.02
N ALA C 76 -28.39 -10.60 -32.99
CA ALA C 76 -29.10 -11.85 -32.81
C ALA C 76 -29.66 -11.94 -31.39
N TRP C 77 -28.93 -11.38 -30.42
CA TRP C 77 -29.37 -11.40 -29.04
C TRP C 77 -30.53 -10.45 -28.88
N ALA C 78 -30.53 -9.38 -29.66
CA ALA C 78 -31.65 -8.46 -29.70
C ALA C 78 -32.89 -9.18 -30.23
N VAL C 79 -32.70 -9.98 -31.27
CA VAL C 79 -33.78 -10.81 -31.78
C VAL C 79 -34.30 -11.75 -30.69
N ALA C 80 -33.37 -12.30 -29.92
CA ALA C 80 -33.74 -13.24 -28.87
C ALA C 80 -34.60 -12.56 -27.82
N ILE C 81 -34.23 -11.34 -27.49
CA ILE C 81 -35.01 -10.53 -26.55
C ILE C 81 -36.37 -10.25 -27.16
N ALA C 82 -36.36 -9.88 -28.44
CA ALA C 82 -37.57 -9.47 -29.15
C ALA C 82 -38.58 -10.61 -29.28
N LEU C 83 -38.08 -11.83 -29.38
CA LEU C 83 -38.93 -13.01 -29.53
C LEU C 83 -39.15 -13.71 -28.20
N GLY C 84 -38.40 -13.31 -27.18
CA GLY C 84 -38.55 -13.86 -25.84
C GLY C 84 -38.03 -15.28 -25.73
N VAL C 85 -36.93 -15.57 -26.42
CA VAL C 85 -36.36 -16.91 -26.45
C VAL C 85 -34.92 -16.95 -25.94
N GLU C 86 -34.59 -16.00 -25.07
CA GLU C 86 -33.24 -15.92 -24.49
C GLU C 86 -32.89 -17.21 -23.79
N ASP C 87 -33.84 -17.70 -22.99
CA ASP C 87 -33.67 -18.93 -22.24
C ASP C 87 -33.33 -20.09 -23.18
N LYS C 88 -34.02 -20.14 -24.31
CA LYS C 88 -33.89 -21.26 -25.24
C LYS C 88 -32.49 -21.41 -25.84
N ILE C 89 -31.85 -20.29 -26.18
CA ILE C 89 -30.67 -20.32 -27.04
C ILE C 89 -29.35 -19.95 -26.38
N THR C 90 -29.38 -19.53 -25.12
CA THR C 90 -28.14 -19.07 -24.46
C THR C 90 -27.11 -20.19 -24.36
N ALA C 91 -27.53 -21.36 -23.88
CA ALA C 91 -26.61 -22.50 -23.74
C ALA C 91 -26.06 -23.02 -25.08
N PRO C 92 -26.95 -23.32 -26.04
CA PRO C 92 -26.45 -23.82 -27.33
C PRO C 92 -25.60 -22.83 -28.10
N MET C 93 -25.75 -21.53 -27.82
CA MET C 93 -24.94 -20.52 -28.49
C MET C 93 -23.53 -20.50 -27.92
N PHE C 94 -23.42 -20.68 -26.61
CA PHE C 94 -22.11 -20.73 -25.97
C PHE C 94 -21.34 -21.94 -26.47
N GLU C 95 -22.04 -23.07 -26.58
CA GLU C 95 -21.46 -24.31 -27.08
C GLU C 95 -21.01 -24.17 -28.51
N ALA C 96 -21.93 -23.72 -29.37
CA ALA C 96 -21.68 -23.59 -30.79
C ALA C 96 -20.52 -22.66 -31.09
N VAL C 97 -20.42 -21.57 -30.33
CA VAL C 97 -19.40 -20.57 -30.57
C VAL C 97 -18.04 -21.00 -30.03
N GLN C 98 -18.03 -21.49 -28.80
CA GLN C 98 -16.77 -21.76 -28.10
C GLN C 98 -16.31 -23.21 -28.17
N LYS C 99 -17.22 -24.15 -27.92
CA LYS C 99 -16.86 -25.55 -27.82
C LYS C 99 -16.93 -26.24 -29.18
N THR C 100 -18.13 -26.32 -29.73
CA THR C 100 -18.35 -26.95 -31.02
C THR C 100 -17.72 -26.12 -32.15
N GLN C 101 -17.79 -24.80 -32.01
CA GLN C 101 -17.18 -23.87 -32.96
C GLN C 101 -17.78 -23.96 -34.36
N THR C 102 -19.07 -24.22 -34.46
CA THR C 102 -19.75 -24.26 -35.76
C THR C 102 -20.29 -22.90 -36.16
N VAL C 103 -19.90 -21.87 -35.41
CA VAL C 103 -20.35 -20.51 -35.69
C VAL C 103 -19.19 -19.70 -36.25
N GLN C 104 -19.17 -19.58 -37.58
CA GLN C 104 -18.11 -18.87 -38.30
C GLN C 104 -18.71 -17.76 -39.16
N SER C 105 -20.01 -17.87 -39.44
CA SER C 105 -20.71 -16.86 -40.22
C SER C 105 -22.01 -16.46 -39.53
N VAL C 106 -22.58 -15.36 -39.98
CA VAL C 106 -23.85 -14.87 -39.46
C VAL C 106 -24.98 -15.85 -39.76
N ALA C 107 -24.81 -16.64 -40.82
CA ALA C 107 -25.77 -17.69 -41.15
C ALA C 107 -25.75 -18.78 -40.09
N ASP C 108 -24.56 -19.02 -39.53
CA ASP C 108 -24.39 -20.09 -38.54
C ASP C 108 -25.10 -19.77 -37.23
N ILE C 109 -25.32 -18.48 -36.98
CA ILE C 109 -25.98 -18.05 -35.76
C ILE C 109 -27.45 -18.48 -35.78
N ARG C 110 -28.12 -18.14 -36.88
CA ARG C 110 -29.50 -18.53 -37.11
C ARG C 110 -29.72 -20.03 -36.88
N LYS C 111 -28.80 -20.83 -37.39
CA LYS C 111 -28.87 -22.28 -37.23
C LYS C 111 -29.06 -22.68 -35.76
N VAL C 112 -28.35 -21.98 -34.88
CA VAL C 112 -28.44 -22.30 -33.46
C VAL C 112 -29.85 -22.04 -32.98
N PHE C 113 -30.45 -20.95 -33.45
CA PHE C 113 -31.80 -20.57 -33.06
C PHE C 113 -32.81 -21.61 -33.52
N VAL C 114 -32.74 -21.96 -34.79
CA VAL C 114 -33.67 -22.89 -35.39
C VAL C 114 -33.55 -24.27 -34.76
N ASP C 115 -32.32 -24.70 -34.56
CA ASP C 115 -32.06 -26.01 -33.98
CA ASP C 115 -32.04 -26.01 -33.97
C ASP C 115 -32.51 -26.04 -32.52
N ALA C 116 -32.70 -24.86 -31.93
CA ALA C 116 -33.14 -24.75 -30.55
C ALA C 116 -34.65 -24.59 -30.42
N GLY C 117 -35.35 -24.60 -31.55
CA GLY C 117 -36.80 -24.60 -31.55
C GLY C 117 -37.44 -23.27 -31.88
N VAL C 118 -36.69 -22.38 -32.53
CA VAL C 118 -37.21 -21.07 -32.91
C VAL C 118 -37.54 -21.06 -34.40
N LYS C 119 -38.79 -20.73 -34.73
CA LYS C 119 -39.19 -20.59 -36.13
C LYS C 119 -38.30 -19.59 -36.85
N GLY C 120 -37.75 -20.01 -37.98
CA GLY C 120 -36.85 -19.17 -38.75
C GLY C 120 -37.55 -17.98 -39.36
N GLU C 121 -38.82 -18.16 -39.74
CA GLU C 121 -39.60 -17.07 -40.31
C GLU C 121 -39.74 -15.94 -39.32
N ASP C 122 -39.72 -16.29 -38.03
CA ASP C 122 -39.83 -15.31 -36.97
C ASP C 122 -38.49 -14.61 -36.76
N TYR C 123 -37.42 -15.42 -36.68
CA TYR C 123 -36.06 -14.90 -36.65
C TYR C 123 -35.82 -13.87 -37.73
N ASP C 124 -36.10 -14.27 -38.97
CA ASP C 124 -35.84 -13.43 -40.13
C ASP C 124 -36.62 -12.12 -40.07
N ALA C 125 -37.85 -12.20 -39.58
CA ALA C 125 -38.72 -11.03 -39.50
C ALA C 125 -38.21 -10.09 -38.41
N ALA C 126 -37.85 -10.67 -37.27
CA ALA C 126 -37.33 -9.90 -36.15
C ALA C 126 -36.00 -9.26 -36.52
N TRP C 127 -35.14 -10.05 -37.15
CA TRP C 127 -33.79 -9.60 -37.50
C TRP C 127 -33.82 -8.23 -38.17
N ASN C 128 -34.70 -8.08 -39.15
CA ASN C 128 -34.76 -6.87 -39.95
C ASN C 128 -35.70 -5.80 -39.37
N SER C 129 -36.14 -6.01 -38.13
CA SER C 129 -37.16 -5.15 -37.54
C SER C 129 -36.61 -3.88 -36.91
N PHE C 130 -37.42 -2.83 -36.92
CA PHE C 130 -37.11 -1.56 -36.28
C PHE C 130 -36.77 -1.72 -34.81
N VAL C 131 -37.53 -2.57 -34.13
CA VAL C 131 -37.38 -2.71 -32.69
C VAL C 131 -36.07 -3.41 -32.34
N VAL C 132 -35.64 -4.35 -33.17
CA VAL C 132 -34.34 -4.98 -32.99
C VAL C 132 -33.22 -3.95 -33.19
N LYS C 133 -33.39 -3.07 -34.17
CA LYS C 133 -32.41 -2.01 -34.40
C LYS C 133 -32.29 -1.13 -33.17
N SER C 134 -33.44 -0.82 -32.57
CA SER C 134 -33.47 -0.01 -31.37
C SER C 134 -32.79 -0.74 -30.23
N LEU C 135 -32.98 -2.05 -30.17
CA LEU C 135 -32.38 -2.87 -29.12
C LEU C 135 -30.88 -3.01 -29.30
N VAL C 136 -30.44 -3.04 -30.55
CA VAL C 136 -29.01 -3.04 -30.81
C VAL C 136 -28.44 -1.74 -30.28
N ALA C 137 -29.09 -0.63 -30.58
CA ALA C 137 -28.61 0.69 -30.17
C ALA C 137 -28.61 0.83 -28.66
N GLN C 138 -29.62 0.25 -28.00
CA GLN C 138 -29.72 0.30 -26.56
C GLN C 138 -28.58 -0.48 -25.91
N GLN C 139 -28.28 -1.65 -26.46
CA GLN C 139 -27.18 -2.47 -25.96
C GLN C 139 -25.86 -1.71 -26.08
N GLU C 140 -25.68 -1.04 -27.20
CA GLU C 140 -24.46 -0.27 -27.45
C GLU C 140 -24.33 0.91 -26.51
N LYS C 141 -25.40 1.69 -26.39
CA LYS C 141 -25.38 2.91 -25.58
C LYS C 141 -25.18 2.64 -24.09
N ALA C 142 -25.74 1.54 -23.61
CA ALA C 142 -25.61 1.16 -22.21
C ALA C 142 -24.15 0.91 -21.84
N ALA C 143 -23.45 0.19 -22.71
CA ALA C 143 -22.04 -0.12 -22.50
C ALA C 143 -21.22 1.17 -22.48
N ALA C 144 -21.59 2.10 -23.34
CA ALA C 144 -20.94 3.40 -23.41
C ALA C 144 -21.24 4.23 -22.17
N ASP C 145 -22.52 4.33 -21.82
CA ASP C 145 -22.94 5.11 -20.67
C ASP C 145 -22.34 4.58 -19.37
N LEU C 146 -22.40 3.26 -19.19
CA LEU C 146 -21.91 2.63 -17.97
C LEU C 146 -20.40 2.44 -17.98
N GLN C 147 -19.76 2.87 -19.06
CA GLN C 147 -18.31 2.82 -19.18
C GLN C 147 -17.79 1.40 -18.99
N LEU C 148 -18.37 0.48 -19.75
CA LEU C 148 -18.01 -0.92 -19.70
C LEU C 148 -16.57 -1.11 -20.17
N GLN C 149 -15.81 -1.88 -19.41
CA GLN C 149 -14.38 -2.07 -19.67
C GLN C 149 -14.05 -3.51 -19.98
N GLY C 150 -15.03 -4.38 -19.89
CA GLY C 150 -14.79 -5.80 -20.08
C GLY C 150 -15.95 -6.65 -19.62
N VAL C 151 -15.97 -7.89 -20.13
CA VAL C 151 -16.98 -8.86 -19.78
C VAL C 151 -16.33 -10.08 -19.13
N PRO C 152 -17.07 -10.80 -18.27
CA PRO C 152 -18.44 -10.50 -17.86
C PRO C 152 -18.52 -9.30 -16.91
N ALA C 153 -19.68 -8.66 -16.86
CA ALA C 153 -19.91 -7.54 -15.95
C ALA C 153 -21.38 -7.45 -15.60
N MET C 154 -21.67 -6.93 -14.40
CA MET C 154 -23.04 -6.72 -13.96
C MET C 154 -23.13 -5.41 -13.20
N TYR C 155 -24.16 -4.64 -13.53
CA TYR C 155 -24.41 -3.36 -12.87
C TYR C 155 -25.78 -3.36 -12.19
N VAL C 156 -25.86 -2.74 -11.02
CA VAL C 156 -27.12 -2.63 -10.30
C VAL C 156 -27.58 -1.17 -10.24
N ASN C 157 -28.84 -0.96 -10.66
CA ASN C 157 -29.46 0.36 -10.74
C ASN C 157 -28.56 1.45 -11.34
N GLY C 158 -27.76 1.08 -12.33
CA GLY C 158 -26.88 2.02 -13.03
C GLY C 158 -25.93 2.78 -12.13
N LYS C 159 -25.73 2.28 -10.92
CA LYS C 159 -24.96 2.96 -9.89
C LYS C 159 -23.81 2.10 -9.39
N TYR C 160 -24.11 0.82 -9.21
CA TYR C 160 -23.17 -0.10 -8.57
C TYR C 160 -22.69 -1.14 -9.54
N GLN C 161 -21.43 -1.50 -9.40
CA GLN C 161 -20.79 -2.46 -10.28
C GLN C 161 -20.21 -3.59 -9.45
N LEU C 162 -20.55 -4.82 -9.82
CA LEU C 162 -20.08 -5.98 -9.08
C LEU C 162 -18.58 -6.12 -9.19
N ASN C 163 -17.97 -6.64 -8.14
CA ASN C 163 -16.53 -6.81 -8.07
C ASN C 163 -16.18 -8.19 -7.51
N PRO C 164 -16.20 -9.23 -8.37
CA PRO C 164 -15.95 -10.62 -7.98
C PRO C 164 -14.56 -10.87 -7.40
N GLN C 165 -13.59 -10.06 -7.81
CA GLN C 165 -12.24 -10.18 -7.26
C GLN C 165 -12.18 -9.75 -5.80
N GLY C 166 -13.32 -9.33 -5.25
CA GLY C 166 -13.43 -9.01 -3.84
C GLY C 166 -14.29 -10.00 -3.09
N MET C 167 -14.66 -11.09 -3.78
CA MET C 167 -15.44 -12.15 -3.16
C MET C 167 -14.57 -13.35 -2.87
N ASP C 168 -15.12 -14.32 -2.15
CA ASP C 168 -14.41 -15.53 -1.82
C ASP C 168 -14.43 -16.50 -3.00
N THR C 169 -13.31 -16.57 -3.71
CA THR C 169 -13.16 -17.42 -4.88
C THR C 169 -12.53 -18.76 -4.52
N SER C 170 -12.41 -19.02 -3.21
CA SER C 170 -11.81 -20.26 -2.73
C SER C 170 -12.65 -21.44 -3.18
N ASN C 171 -13.95 -21.28 -3.07
CA ASN C 171 -14.92 -22.29 -3.47
C ASN C 171 -15.97 -21.65 -4.34
N MET C 172 -16.37 -22.34 -5.40
CA MET C 172 -17.29 -21.77 -6.37
C MET C 172 -18.72 -21.66 -5.84
N ASP C 173 -19.13 -22.60 -5.01
CA ASP C 173 -20.47 -22.53 -4.42
C ASP C 173 -20.55 -21.31 -3.51
N VAL C 174 -19.53 -21.12 -2.70
CA VAL C 174 -19.43 -19.98 -1.82
C VAL C 174 -19.45 -18.69 -2.63
N PHE C 175 -18.69 -18.67 -3.71
CA PHE C 175 -18.54 -17.48 -4.55
C PHE C 175 -19.86 -17.10 -5.22
N VAL C 176 -20.48 -18.07 -5.85
CA VAL C 176 -21.74 -17.87 -6.57
C VAL C 176 -22.84 -17.41 -5.63
N ALA C 177 -22.81 -17.94 -4.41
CA ALA C 177 -23.83 -17.61 -3.42
C ALA C 177 -23.60 -16.20 -2.90
N GLN C 178 -22.34 -15.81 -2.88
CA GLN C 178 -21.93 -14.52 -2.37
C GLN C 178 -22.15 -13.42 -3.40
N TYR C 179 -22.01 -13.79 -4.67
CA TYR C 179 -22.28 -12.88 -5.77
C TYR C 179 -23.77 -12.55 -5.76
N ALA C 180 -24.59 -13.59 -5.67
CA ALA C 180 -26.04 -13.44 -5.70
C ALA C 180 -26.55 -12.58 -4.56
N ASP C 181 -26.01 -12.77 -3.37
CA ASP C 181 -26.45 -12.01 -2.22
C ASP C 181 -25.95 -10.58 -2.29
N THR C 182 -24.82 -10.38 -2.94
CA THR C 182 -24.26 -9.04 -3.08
C THR C 182 -25.21 -8.22 -3.93
N VAL C 183 -25.66 -8.80 -5.05
CA VAL C 183 -26.63 -8.14 -5.91
C VAL C 183 -27.90 -7.88 -5.12
N LYS C 184 -28.39 -8.91 -4.46
CA LYS C 184 -29.58 -8.83 -3.63
C LYS C 184 -29.51 -7.64 -2.68
N GLN C 185 -28.40 -7.55 -1.95
CA GLN C 185 -28.20 -6.46 -1.01
C GLN C 185 -28.16 -5.10 -1.69
N LEU C 186 -27.58 -5.04 -2.88
CA LEU C 186 -27.44 -3.79 -3.61
C LEU C 186 -28.80 -3.30 -4.11
N VAL C 187 -29.65 -4.24 -4.50
CA VAL C 187 -30.99 -3.93 -4.96
C VAL C 187 -31.82 -3.39 -3.80
N GLU C 188 -31.65 -4.00 -2.64
CA GLU C 188 -32.30 -3.56 -1.43
C GLU C 188 -31.76 -2.21 -0.97
N LYS C 189 -30.69 -1.77 -1.61
N LYS C 189 -30.67 -1.79 -1.60
CA LYS C 189 -30.06 -0.46 -1.35
CA LYS C 189 -30.05 -0.48 -1.38
C LYS C 189 -29.27 -0.46 -0.05
C LYS C 189 -29.31 -0.44 -0.05
N ILE D 5 -20.61 -0.66 10.46
CA ILE D 5 -20.39 0.64 9.82
C ILE D 5 -20.84 0.57 8.36
N THR D 6 -21.63 1.55 7.93
CA THR D 6 -22.21 1.50 6.60
C THR D 6 -22.53 2.88 6.04
N ASP D 7 -22.32 3.02 4.73
CA ASP D 7 -22.71 4.23 4.02
C ASP D 7 -24.21 4.43 4.16
N GLY D 8 -24.60 5.60 4.63
CA GLY D 8 -26.00 5.91 4.84
C GLY D 8 -26.40 5.78 6.29
N LYS D 9 -25.43 5.40 7.13
CA LYS D 9 -25.68 5.22 8.56
C LYS D 9 -24.85 6.23 9.37
N GLN D 10 -23.66 5.84 9.80
CA GLN D 10 -22.80 6.74 10.56
C GLN D 10 -22.16 7.78 9.66
N TYR D 11 -22.03 7.46 8.38
CA TYR D 11 -21.42 8.39 7.44
C TYR D 11 -22.15 8.39 6.10
N ILE D 12 -22.14 9.56 5.47
CA ILE D 12 -22.74 9.75 4.16
C ILE D 12 -21.64 10.02 3.15
N THR D 13 -21.82 9.50 1.94
CA THR D 13 -20.86 9.71 0.86
C THR D 13 -21.31 10.86 -0.03
N LEU D 14 -20.45 11.85 -0.19
CA LEU D 14 -20.72 12.99 -1.07
C LEU D 14 -20.89 12.53 -2.51
N ASP D 15 -21.77 13.20 -3.25
CA ASP D 15 -21.99 12.89 -4.66
C ASP D 15 -20.94 13.58 -5.53
N LYS D 16 -20.51 14.75 -5.09
CA LYS D 16 -19.50 15.52 -5.80
C LYS D 16 -18.32 15.74 -4.86
N PRO D 17 -17.46 14.72 -4.72
CA PRO D 17 -16.32 14.87 -3.82
C PRO D 17 -15.33 15.89 -4.35
N ILE D 18 -14.53 16.45 -3.45
CA ILE D 18 -13.62 17.54 -3.79
C ILE D 18 -12.19 17.16 -3.43
N ALA D 19 -11.28 17.43 -4.35
CA ALA D 19 -9.87 17.14 -4.14
C ALA D 19 -9.17 18.35 -3.54
N GLY D 20 -8.07 18.09 -2.82
CA GLY D 20 -7.24 19.16 -2.30
C GLY D 20 -7.68 19.65 -0.94
N GLU D 21 -8.58 18.90 -0.30
CA GLU D 21 -9.08 19.28 1.02
C GLU D 21 -8.28 18.60 2.12
N PRO D 22 -8.27 19.20 3.33
CA PRO D 22 -7.70 18.52 4.49
C PRO D 22 -8.35 17.16 4.69
N GLN D 23 -7.62 16.22 5.27
CA GLN D 23 -8.14 14.88 5.46
C GLN D 23 -9.35 14.87 6.38
N VAL D 24 -9.30 15.68 7.43
CA VAL D 24 -10.42 15.79 8.37
C VAL D 24 -10.74 17.24 8.62
N LEU D 25 -11.83 17.70 8.03
CA LEU D 25 -12.18 19.12 8.03
C LEU D 25 -13.50 19.38 8.72
N GLU D 26 -13.45 20.13 9.82
CA GLU D 26 -14.64 20.49 10.56
C GLU D 26 -15.10 21.90 10.20
N PHE D 27 -16.42 22.09 10.20
CA PHE D 27 -17.00 23.42 10.06
C PHE D 27 -17.77 23.77 11.32
N PHE D 28 -17.74 25.04 11.71
CA PHE D 28 -18.40 25.44 12.94
C PHE D 28 -18.62 26.95 13.02
N SER D 29 -19.48 27.35 13.96
CA SER D 29 -19.70 28.76 14.26
C SER D 29 -19.67 28.97 15.76
N PHE D 30 -19.12 30.10 16.18
CA PHE D 30 -19.07 30.44 17.59
C PHE D 30 -20.44 30.80 18.13
N TYR D 31 -21.37 31.13 17.22
CA TYR D 31 -22.74 31.42 17.61
C TYR D 31 -23.52 30.15 17.91
N CYS D 32 -23.28 29.11 17.11
CA CYS D 32 -24.11 27.91 17.16
C CYS D 32 -24.06 27.23 18.52
N PRO D 33 -25.23 26.93 19.11
CA PRO D 33 -25.26 26.23 20.40
C PRO D 33 -24.77 24.79 20.29
N HIS D 34 -25.14 24.10 19.22
CA HIS D 34 -24.74 22.71 19.05
C HIS D 34 -23.24 22.62 18.91
N CYS D 35 -22.63 23.65 18.33
CA CYS D 35 -21.19 23.73 18.21
C CYS D 35 -20.54 23.84 19.58
N TYR D 36 -21.19 24.57 20.47
CA TYR D 36 -20.72 24.69 21.85
C TYR D 36 -20.72 23.32 22.52
N GLN D 37 -21.85 22.63 22.45
CA GLN D 37 -21.97 21.31 23.06
C GLN D 37 -20.99 20.35 22.38
N PHE D 38 -20.70 20.61 21.10
CA PHE D 38 -19.80 19.79 20.32
C PHE D 38 -18.35 20.01 20.76
N GLU D 39 -17.94 21.26 20.85
CA GLU D 39 -16.55 21.60 21.16
C GLU D 39 -16.27 21.66 22.65
N GLU D 40 -17.19 22.25 23.41
CA GLU D 40 -16.92 22.60 24.80
C GLU D 40 -17.47 21.58 25.80
N VAL D 41 -18.52 20.86 25.43
CA VAL D 41 -19.08 19.86 26.33
C VAL D 41 -18.49 18.48 26.04
N LEU D 42 -18.84 17.93 24.88
CA LEU D 42 -18.45 16.57 24.54
C LEU D 42 -17.00 16.48 24.08
N HIS D 43 -16.48 17.58 23.53
CA HIS D 43 -15.13 17.62 23.01
C HIS D 43 -14.94 16.53 21.97
N VAL D 44 -15.78 16.60 20.94
CA VAL D 44 -15.77 15.61 19.88
C VAL D 44 -14.45 15.70 19.13
N SER D 45 -14.17 16.90 18.63
CA SER D 45 -13.00 17.13 17.78
C SER D 45 -11.71 16.64 18.42
N ASP D 46 -11.66 16.67 19.74
CA ASP D 46 -10.47 16.25 20.47
C ASP D 46 -10.45 14.73 20.66
N ASN D 47 -11.63 14.13 20.75
CA ASN D 47 -11.74 12.67 20.84
C ASN D 47 -11.47 12.04 19.49
N VAL D 48 -11.83 12.77 18.44
CA VAL D 48 -11.57 12.31 17.08
C VAL D 48 -10.08 12.31 16.82
N ARG D 49 -9.40 13.36 17.25
CA ARG D 49 -7.98 13.52 17.01
C ARG D 49 -7.19 12.45 17.75
N GLN D 50 -7.56 12.22 19.00
CA GLN D 50 -6.89 11.25 19.85
C GLN D 50 -6.97 9.85 19.25
N LYS D 51 -7.91 9.66 18.32
CA LYS D 51 -8.08 8.39 17.62
C LYS D 51 -7.61 8.47 16.17
N LEU D 52 -7.06 9.61 15.78
CA LEU D 52 -6.60 9.79 14.41
C LEU D 52 -5.24 9.12 14.23
N PRO D 53 -5.04 8.42 13.10
CA PRO D 53 -3.72 7.88 12.76
C PRO D 53 -2.65 8.96 12.88
N GLU D 54 -1.45 8.56 13.27
CA GLU D 54 -0.38 9.52 13.48
C GLU D 54 -0.02 10.23 12.17
N GLY D 55 0.18 11.53 12.25
CA GLY D 55 0.49 12.33 11.07
C GLY D 55 -0.76 12.99 10.51
N THR D 56 -1.88 12.29 10.63
CA THR D 56 -3.16 12.82 10.16
C THR D 56 -3.65 13.92 11.09
N LYS D 57 -4.17 15.00 10.50
CA LYS D 57 -4.50 16.19 11.26
C LYS D 57 -5.99 16.54 11.31
N MET D 58 -6.34 17.33 12.32
CA MET D 58 -7.68 17.85 12.52
C MET D 58 -7.72 19.31 12.12
N THR D 59 -8.41 19.61 11.03
CA THR D 59 -8.54 20.98 10.55
C THR D 59 -9.94 21.51 10.86
N LYS D 60 -10.02 22.79 11.17
CA LYS D 60 -11.25 23.42 11.61
C LYS D 60 -11.46 24.76 10.91
N TYR D 61 -12.59 24.90 10.25
CA TYR D 61 -12.95 26.15 9.59
C TYR D 61 -14.19 26.76 10.22
N HIS D 62 -14.22 28.10 10.26
CA HIS D 62 -15.37 28.83 10.77
C HIS D 62 -16.27 29.23 9.62
N VAL D 63 -17.52 29.52 9.91
CA VAL D 63 -18.49 29.85 8.87
C VAL D 63 -19.10 31.24 9.05
N GLU D 64 -19.47 31.85 7.93
CA GLU D 64 -19.94 33.22 7.90
C GLU D 64 -21.43 33.39 8.15
N PHE D 65 -22.23 32.43 7.69
CA PHE D 65 -23.67 32.65 7.51
C PHE D 65 -24.45 32.94 8.79
N LEU D 66 -23.98 32.38 9.90
CA LEU D 66 -24.71 32.48 11.15
C LEU D 66 -24.24 33.66 11.98
N GLY D 67 -25.17 34.57 12.27
CA GLY D 67 -24.90 35.66 13.20
C GLY D 67 -24.41 36.93 12.54
N PRO D 68 -24.62 38.08 13.22
CA PRO D 68 -24.26 39.41 12.70
C PRO D 68 -22.76 39.61 12.52
N LEU D 69 -21.94 38.88 13.27
CA LEU D 69 -20.49 39.03 13.20
C LEU D 69 -19.79 37.80 12.63
N GLY D 70 -20.56 36.90 12.01
CA GLY D 70 -20.02 35.65 11.51
C GLY D 70 -18.90 35.86 10.52
N LYS D 71 -19.00 36.93 9.74
CA LYS D 71 -17.97 37.28 8.78
C LYS D 71 -16.69 37.64 9.50
N ASP D 72 -16.80 38.52 10.49
CA ASP D 72 -15.64 38.97 11.25
C ASP D 72 -15.04 37.84 12.06
N LEU D 73 -15.90 36.99 12.61
CA LEU D 73 -15.46 35.85 13.41
C LEU D 73 -14.69 34.84 12.57
N THR D 74 -15.05 34.72 11.31
CA THR D 74 -14.38 33.81 10.40
C THR D 74 -13.00 34.38 10.09
N GLN D 75 -12.93 35.70 9.97
CA GLN D 75 -11.67 36.38 9.72
C GLN D 75 -10.77 36.32 10.94
N ALA D 76 -11.37 36.39 12.12
CA ALA D 76 -10.62 36.27 13.37
C ALA D 76 -10.08 34.86 13.53
N TRP D 77 -10.78 33.91 12.93
CA TRP D 77 -10.37 32.51 13.04
C TRP D 77 -9.19 32.28 12.11
N ALA D 78 -9.21 32.98 10.98
CA ALA D 78 -8.09 32.97 10.05
C ALA D 78 -6.86 33.50 10.75
N VAL D 79 -7.06 34.49 11.61
CA VAL D 79 -5.99 35.08 12.40
C VAL D 79 -5.44 34.05 13.37
N ALA D 80 -6.33 33.33 14.04
CA ALA D 80 -5.94 32.31 15.00
C ALA D 80 -5.08 31.24 14.32
N ILE D 81 -5.50 30.85 13.12
CA ILE D 81 -4.75 29.90 12.32
C ILE D 81 -3.39 30.47 11.97
N ALA D 82 -3.38 31.73 11.53
CA ALA D 82 -2.16 32.36 11.05
C ALA D 82 -1.13 32.59 12.16
N LEU D 83 -1.62 32.69 13.39
CA LEU D 83 -0.76 32.89 14.54
C LEU D 83 -0.55 31.58 15.29
N GLY D 84 -1.51 30.67 15.15
CA GLY D 84 -1.42 29.35 15.77
C GLY D 84 -1.89 29.36 17.22
N VAL D 85 -2.93 30.13 17.49
CA VAL D 85 -3.44 30.29 18.86
C VAL D 85 -4.86 29.79 18.99
N GLU D 86 -5.23 28.83 18.14
CA GLU D 86 -6.55 28.21 18.19
C GLU D 86 -6.88 27.76 19.60
N ASP D 87 -6.12 26.79 20.08
CA ASP D 87 -6.29 26.22 21.42
C ASP D 87 -6.35 27.27 22.52
N LYS D 88 -5.82 28.46 22.25
CA LYS D 88 -5.83 29.54 23.24
C LYS D 88 -7.18 30.23 23.32
N ILE D 89 -7.80 30.46 22.17
CA ILE D 89 -8.95 31.37 22.08
C ILE D 89 -10.29 30.70 21.78
N THR D 90 -10.27 29.42 21.43
CA THR D 90 -11.50 28.72 21.08
C THR D 90 -12.46 28.65 22.26
N ALA D 91 -11.95 28.25 23.42
CA ALA D 91 -12.76 28.18 24.63
C ALA D 91 -13.34 29.54 25.07
N PRO D 92 -12.48 30.56 25.22
CA PRO D 92 -12.99 31.86 25.68
C PRO D 92 -13.94 32.55 24.72
N MET D 93 -13.76 32.34 23.42
CA MET D 93 -14.61 32.98 22.42
C MET D 93 -16.01 32.36 22.48
N PHE D 94 -16.08 31.09 22.87
CA PHE D 94 -17.37 30.41 22.98
C PHE D 94 -18.17 30.91 24.17
N GLU D 95 -17.47 31.30 25.23
CA GLU D 95 -18.12 31.83 26.42
C GLU D 95 -18.57 33.26 26.17
N ALA D 96 -17.67 34.05 25.61
CA ALA D 96 -17.94 35.47 25.34
C ALA D 96 -19.12 35.64 24.41
N VAL D 97 -19.17 34.82 23.36
CA VAL D 97 -20.25 34.92 22.38
C VAL D 97 -21.58 34.40 22.94
N GLN D 98 -21.53 33.24 23.59
CA GLN D 98 -22.77 32.55 23.98
C GLN D 98 -23.14 32.69 25.46
N LYS D 99 -22.22 32.35 26.35
CA LYS D 99 -22.55 32.33 27.78
C LYS D 99 -22.60 33.73 28.39
N THR D 100 -21.64 34.58 28.02
CA THR D 100 -21.53 35.90 28.60
C THR D 100 -22.03 37.01 27.63
N GLN D 101 -22.04 36.69 26.32
CA GLN D 101 -22.63 37.57 25.31
C GLN D 101 -21.96 38.96 25.27
N THR D 102 -20.68 39.00 25.60
CA THR D 102 -19.95 40.27 25.68
C THR D 102 -19.43 40.75 24.35
N VAL D 103 -19.60 39.93 23.32
CA VAL D 103 -19.09 40.28 22.00
C VAL D 103 -20.25 40.68 21.10
N GLN D 104 -20.28 41.95 20.78
CA GLN D 104 -21.36 42.54 20.00
C GLN D 104 -20.78 43.35 18.84
N SER D 105 -19.46 43.53 18.85
CA SER D 105 -18.78 44.27 17.79
C SER D 105 -17.45 43.63 17.43
N VAL D 106 -16.80 44.20 16.42
CA VAL D 106 -15.50 43.73 15.98
C VAL D 106 -14.48 43.87 17.09
N ALA D 107 -14.45 45.05 17.69
CA ALA D 107 -13.47 45.34 18.74
C ALA D 107 -13.61 44.36 19.89
N ASP D 108 -14.83 43.86 20.09
CA ASP D 108 -15.10 42.91 21.16
C ASP D 108 -14.47 41.56 20.86
N ILE D 109 -14.33 41.24 19.58
CA ILE D 109 -13.73 39.98 19.17
C ILE D 109 -12.24 40.02 19.50
N ARG D 110 -11.60 41.12 19.13
CA ARG D 110 -10.19 41.34 19.40
C ARG D 110 -9.84 41.33 20.89
N LYS D 111 -10.75 41.86 21.71
CA LYS D 111 -10.51 41.94 23.14
C LYS D 111 -10.35 40.56 23.76
N VAL D 112 -11.09 39.59 23.23
CA VAL D 112 -11.00 38.20 23.68
C VAL D 112 -9.58 37.70 23.44
N PHE D 113 -9.08 37.94 22.23
CA PHE D 113 -7.74 37.53 21.85
C PHE D 113 -6.71 38.13 22.81
N VAL D 114 -6.79 39.45 22.99
CA VAL D 114 -5.90 40.15 23.91
C VAL D 114 -5.99 39.57 25.31
N ASP D 115 -7.21 39.26 25.75
CA ASP D 115 -7.41 38.75 27.10
C ASP D 115 -6.91 37.31 27.25
N ALA D 116 -6.50 36.69 26.15
CA ALA D 116 -6.05 35.30 26.16
C ALA D 116 -4.53 35.19 26.01
N GLY D 117 -3.84 36.33 26.05
CA GLY D 117 -2.39 36.35 26.00
C GLY D 117 -1.86 36.49 24.59
N VAL D 118 -2.66 37.14 23.74
CA VAL D 118 -2.27 37.40 22.36
C VAL D 118 -2.05 38.89 22.20
N LYS D 119 -0.87 39.28 21.73
CA LYS D 119 -0.57 40.69 21.56
C LYS D 119 -1.43 41.33 20.49
N GLY D 120 -2.06 42.45 20.83
CA GLY D 120 -2.91 43.16 19.91
C GLY D 120 -2.14 43.66 18.70
N GLU D 121 -0.83 43.80 18.85
CA GLU D 121 0.04 44.16 17.73
C GLU D 121 0.12 43.01 16.74
N ASP D 122 0.13 41.79 17.28
CA ASP D 122 0.25 40.59 16.46
C ASP D 122 -1.07 40.30 15.77
N TYR D 123 -2.16 40.49 16.51
CA TYR D 123 -3.50 40.31 15.99
C TYR D 123 -3.76 41.22 14.80
N ASP D 124 -3.45 42.50 14.98
CA ASP D 124 -3.73 43.51 13.96
C ASP D 124 -2.90 43.29 12.70
N ALA D 125 -1.68 42.77 12.89
CA ALA D 125 -0.81 42.46 11.77
C ALA D 125 -1.41 41.32 10.96
N ALA D 126 -1.91 40.31 11.67
CA ALA D 126 -2.51 39.15 11.04
C ALA D 126 -3.78 39.56 10.32
N TRP D 127 -4.64 40.29 11.03
CA TRP D 127 -5.93 40.72 10.51
C TRP D 127 -5.81 41.32 9.11
N ASN D 128 -4.77 42.10 8.91
CA ASN D 128 -4.59 42.84 7.66
C ASN D 128 -3.71 42.12 6.65
N SER D 129 -3.28 40.91 6.99
CA SER D 129 -2.35 40.15 6.16
C SER D 129 -3.03 39.50 4.95
N PHE D 130 -2.24 39.21 3.91
CA PHE D 130 -2.77 38.57 2.71
C PHE D 130 -3.03 37.06 2.89
N VAL D 131 -2.36 36.42 3.84
CA VAL D 131 -2.66 35.02 4.11
C VAL D 131 -4.02 34.91 4.78
N VAL D 132 -4.28 35.79 5.74
CA VAL D 132 -5.57 35.82 6.42
C VAL D 132 -6.65 36.07 5.38
N LYS D 133 -6.38 36.97 4.45
CA LYS D 133 -7.27 37.22 3.33
C LYS D 133 -7.50 35.95 2.53
N SER D 134 -6.44 35.16 2.37
CA SER D 134 -6.52 33.91 1.63
C SER D 134 -7.22 32.83 2.45
N LEU D 135 -6.93 32.81 3.75
CA LEU D 135 -7.52 31.86 4.68
C LEU D 135 -9.03 32.05 4.81
N VAL D 136 -9.48 33.29 4.69
CA VAL D 136 -10.90 33.55 4.74
C VAL D 136 -11.55 32.93 3.51
N ALA D 137 -10.96 33.22 2.35
CA ALA D 137 -11.48 32.74 1.08
C ALA D 137 -11.51 31.22 1.03
N GLN D 138 -10.49 30.60 1.61
CA GLN D 138 -10.39 29.14 1.64
C GLN D 138 -11.54 28.55 2.45
N GLN D 139 -11.84 29.14 3.59
CA GLN D 139 -12.96 28.70 4.42
C GLN D 139 -14.26 28.89 3.67
N GLU D 140 -14.34 29.98 2.91
CA GLU D 140 -15.52 30.27 2.10
C GLU D 140 -15.61 29.27 0.94
N LYS D 141 -14.49 29.05 0.27
CA LYS D 141 -14.40 28.12 -0.85
C LYS D 141 -14.80 26.70 -0.45
N ALA D 142 -14.25 26.24 0.68
CA ALA D 142 -14.45 24.87 1.12
C ALA D 142 -15.90 24.58 1.50
N ALA D 143 -16.58 25.57 2.08
CA ALA D 143 -17.96 25.38 2.52
C ALA D 143 -18.86 25.26 1.32
N ALA D 144 -18.54 26.03 0.29
CA ALA D 144 -19.25 25.98 -0.98
C ALA D 144 -18.99 24.66 -1.72
N ASP D 145 -17.73 24.38 -2.00
CA ASP D 145 -17.34 23.19 -2.75
C ASP D 145 -17.93 21.91 -2.16
N LEU D 146 -17.84 21.77 -0.84
CA LEU D 146 -18.39 20.61 -0.16
C LEU D 146 -19.88 20.77 0.11
N GLN D 147 -20.43 21.90 -0.33
CA GLN D 147 -21.85 22.16 -0.21
C GLN D 147 -22.34 21.96 1.22
N LEU D 148 -21.75 22.73 2.13
CA LEU D 148 -22.14 22.70 3.52
C LEU D 148 -23.55 23.23 3.66
N GLN D 149 -24.37 22.51 4.42
CA GLN D 149 -25.73 22.93 4.69
C GLN D 149 -25.72 23.66 6.03
N GLY D 150 -25.60 22.88 7.10
CA GLY D 150 -25.55 23.43 8.44
C GLY D 150 -24.32 22.99 9.20
N VAL D 151 -24.12 23.56 10.39
CA VAL D 151 -23.01 23.21 11.24
C VAL D 151 -23.54 22.71 12.58
N PRO D 152 -22.72 21.94 13.32
CA PRO D 152 -21.36 21.53 12.96
C PRO D 152 -21.32 20.39 11.96
N ALA D 153 -20.37 20.44 11.03
CA ALA D 153 -20.17 19.37 10.07
C ALA D 153 -18.71 18.97 10.04
N MET D 154 -18.48 17.74 9.59
CA MET D 154 -17.13 17.20 9.47
C MET D 154 -17.04 16.36 8.21
N TYR D 155 -15.96 16.54 7.47
CA TYR D 155 -15.76 15.86 6.19
C TYR D 155 -14.42 15.14 6.18
N VAL D 156 -14.40 13.98 5.54
CA VAL D 156 -13.18 13.19 5.47
C VAL D 156 -12.73 12.99 4.02
N ASN D 157 -11.49 13.39 3.76
CA ASN D 157 -10.85 13.28 2.45
C ASN D 157 -11.67 13.87 1.30
N GLY D 158 -12.59 14.77 1.62
CA GLY D 158 -13.44 15.38 0.63
C GLY D 158 -14.46 14.41 0.07
N LYS D 159 -14.54 13.22 0.68
CA LYS D 159 -15.38 12.13 0.17
C LYS D 159 -16.62 11.92 1.03
N TYR D 160 -16.41 11.93 2.35
CA TYR D 160 -17.39 11.42 3.30
C TYR D 160 -17.83 12.51 4.27
N GLN D 161 -19.14 12.63 4.45
CA GLN D 161 -19.69 13.53 5.45
C GLN D 161 -20.19 12.75 6.65
N LEU D 162 -19.75 13.17 7.83
CA LEU D 162 -20.21 12.55 9.07
C LEU D 162 -21.71 12.70 9.26
N ASN D 163 -22.28 11.81 10.05
CA ASN D 163 -23.72 11.73 10.22
C ASN D 163 -24.08 11.31 11.65
N PRO D 164 -24.20 12.29 12.56
CA PRO D 164 -24.46 12.02 13.98
C PRO D 164 -25.85 11.46 14.26
N GLN D 165 -26.78 11.66 13.35
CA GLN D 165 -28.14 11.14 13.52
C GLN D 165 -28.23 9.68 13.12
N GLY D 166 -27.08 9.01 13.03
CA GLY D 166 -27.02 7.61 12.65
C GLY D 166 -26.15 6.81 13.60
N MET D 167 -25.68 7.46 14.66
CA MET D 167 -24.93 6.79 15.72
C MET D 167 -25.83 6.70 16.93
N ASP D 168 -25.39 5.97 17.96
CA ASP D 168 -26.22 5.80 19.14
C ASP D 168 -26.20 7.07 19.97
N THR D 169 -27.37 7.45 20.45
CA THR D 169 -27.56 8.67 21.23
C THR D 169 -27.83 8.29 22.69
N SER D 170 -28.11 7.01 22.92
CA SER D 170 -28.48 6.53 24.26
C SER D 170 -27.33 6.65 25.26
N ASN D 171 -26.19 7.16 24.79
CA ASN D 171 -25.07 7.42 25.69
C ASN D 171 -24.13 8.48 25.09
N MET D 172 -24.00 9.59 25.79
CA MET D 172 -23.16 10.70 25.33
C MET D 172 -21.67 10.41 25.49
N ASP D 173 -21.33 9.17 25.82
CA ASP D 173 -19.94 8.76 25.93
C ASP D 173 -19.67 7.66 24.91
N VAL D 174 -20.72 6.92 24.56
CA VAL D 174 -20.63 5.97 23.47
C VAL D 174 -20.52 6.78 22.20
N PHE D 175 -21.57 7.58 21.95
CA PHE D 175 -21.65 8.49 20.82
C PHE D 175 -20.30 9.12 20.46
N VAL D 176 -19.64 9.67 21.47
CA VAL D 176 -18.36 10.33 21.29
C VAL D 176 -17.32 9.34 20.80
N ALA D 177 -17.19 8.23 21.52
CA ALA D 177 -16.25 7.18 21.16
C ALA D 177 -16.67 6.59 19.81
N GLN D 178 -17.97 6.68 19.54
CA GLN D 178 -18.52 6.20 18.29
C GLN D 178 -18.09 7.11 17.16
N TYR D 179 -18.34 8.40 17.34
CA TYR D 179 -17.98 9.41 16.36
C TYR D 179 -16.49 9.36 16.09
N ALA D 180 -15.69 9.32 17.16
CA ALA D 180 -14.24 9.27 17.05
C ALA D 180 -13.79 8.11 16.19
N ASP D 181 -14.32 6.93 16.50
CA ASP D 181 -13.88 5.71 15.83
C ASP D 181 -14.42 5.67 14.40
N THR D 182 -15.55 6.33 14.17
CA THR D 182 -16.15 6.36 12.85
C THR D 182 -15.23 7.11 11.89
N VAL D 183 -14.69 8.23 12.35
CA VAL D 183 -13.82 9.05 11.52
C VAL D 183 -12.52 8.33 11.25
N LYS D 184 -11.94 7.75 12.30
CA LYS D 184 -10.68 7.04 12.18
C LYS D 184 -10.82 5.96 11.12
N GLN D 185 -11.93 5.24 11.17
CA GLN D 185 -12.21 4.23 10.17
C GLN D 185 -12.36 4.83 8.78
N LEU D 186 -12.86 6.06 8.71
CA LEU D 186 -13.14 6.68 7.41
C LEU D 186 -11.88 7.05 6.66
N VAL D 187 -10.81 7.32 7.39
CA VAL D 187 -9.57 7.74 6.77
C VAL D 187 -9.00 6.61 5.93
N GLU D 188 -9.09 5.38 6.44
CA GLU D 188 -8.53 4.21 5.79
C GLU D 188 -9.19 3.88 4.45
N LYS D 189 -10.52 4.00 4.40
CA LYS D 189 -11.28 3.71 3.18
C LYS D 189 -10.68 4.38 1.95
N SER E 1 17.59 -6.81 44.16
CA SER E 1 16.78 -6.77 42.91
C SER E 1 15.29 -6.91 43.25
N ASN E 2 14.68 -8.01 42.80
CA ASN E 2 13.30 -8.32 43.13
C ASN E 2 13.21 -9.63 43.88
N ALA E 3 12.07 -9.86 44.51
CA ALA E 3 11.88 -11.05 45.34
C ALA E 3 11.62 -12.28 44.49
N GLN E 4 12.08 -13.42 44.99
CA GLN E 4 11.96 -14.70 44.29
C GLN E 4 10.51 -15.05 44.01
N ILE E 5 10.26 -15.65 42.86
CA ILE E 5 8.92 -16.07 42.48
C ILE E 5 8.45 -17.29 43.26
N THR E 6 7.14 -17.42 43.35
CA THR E 6 6.50 -18.51 44.08
C THR E 6 5.81 -19.42 43.08
N ASP E 7 6.05 -20.72 43.19
CA ASP E 7 5.34 -21.69 42.37
C ASP E 7 3.86 -21.62 42.70
N GLY E 8 3.04 -21.57 41.66
CA GLY E 8 1.60 -21.52 41.83
C GLY E 8 1.05 -20.11 41.82
N LYS E 9 1.92 -19.14 42.08
CA LYS E 9 1.50 -17.74 42.12
C LYS E 9 1.68 -17.08 40.75
N GLN E 10 2.87 -16.59 40.45
CA GLN E 10 3.13 -15.91 39.19
C GLN E 10 3.39 -16.90 38.06
N TYR E 11 3.46 -18.18 38.42
CA TYR E 11 3.66 -19.23 37.43
C TYR E 11 3.20 -20.57 37.98
N ILE E 12 3.04 -21.53 37.08
CA ILE E 12 2.60 -22.87 37.44
C ILE E 12 3.57 -23.88 36.86
N THR E 13 3.81 -24.95 37.61
CA THR E 13 4.71 -26.01 37.17
C THR E 13 3.90 -27.15 36.57
N LEU E 14 4.29 -27.58 35.38
CA LEU E 14 3.56 -28.62 34.65
C LEU E 14 3.74 -29.99 35.28
N ASP E 15 2.63 -30.71 35.36
CA ASP E 15 2.65 -32.08 35.86
C ASP E 15 3.28 -33.01 34.85
N LYS E 16 3.41 -32.54 33.61
CA LYS E 16 4.24 -33.23 32.64
C LYS E 16 5.00 -32.23 31.76
N PRO E 17 6.28 -32.00 32.08
CA PRO E 17 7.09 -31.18 31.17
C PRO E 17 7.34 -31.89 29.86
N ILE E 18 7.49 -31.12 28.79
CA ILE E 18 7.77 -31.67 27.47
C ILE E 18 9.17 -31.25 27.03
N ALA E 19 9.97 -32.24 26.67
CA ALA E 19 11.32 -31.99 26.17
C ALA E 19 11.27 -31.48 24.73
N GLY E 20 12.25 -30.62 24.39
CA GLY E 20 12.45 -30.20 23.02
C GLY E 20 11.68 -28.97 22.62
N GLU E 21 11.23 -28.20 23.61
CA GLU E 21 10.44 -27.00 23.34
C GLU E 21 11.34 -25.78 23.25
N PRO E 22 10.88 -24.74 22.55
CA PRO E 22 11.53 -23.42 22.59
C PRO E 22 11.63 -22.89 24.02
N GLN E 23 12.66 -22.11 24.31
CA GLN E 23 12.90 -21.66 25.68
C GLN E 23 11.74 -20.84 26.20
N VAL E 24 11.15 -20.01 25.34
CA VAL E 24 10.00 -19.22 25.70
C VAL E 24 9.02 -19.24 24.54
N LEU E 25 7.91 -19.95 24.75
CA LEU E 25 6.92 -20.15 23.71
C LEU E 25 5.60 -19.52 24.09
N GLU E 26 5.09 -18.67 23.21
CA GLU E 26 3.80 -18.01 23.42
C GLU E 26 2.77 -18.54 22.45
N PHE E 27 1.54 -18.69 22.92
CA PHE E 27 0.41 -19.05 22.08
C PHE E 27 -0.55 -17.86 21.98
N PHE E 28 -1.12 -17.66 20.80
CA PHE E 28 -2.04 -16.55 20.61
C PHE E 28 -3.00 -16.78 19.45
N SER E 29 -4.00 -15.91 19.35
CA SER E 29 -4.86 -15.85 18.19
C SER E 29 -5.14 -14.40 17.82
N PHE E 30 -5.33 -14.16 16.53
CA PHE E 30 -5.66 -12.84 16.03
C PHE E 30 -7.11 -12.47 16.34
N TYR E 31 -7.89 -13.47 16.73
CA TYR E 31 -9.28 -13.23 17.11
C TYR E 31 -9.38 -12.80 18.57
N CYS E 32 -8.40 -13.19 19.38
CA CYS E 32 -8.49 -12.99 20.82
C CYS E 32 -8.28 -11.52 21.21
N PRO E 33 -9.31 -10.91 21.87
CA PRO E 33 -9.18 -9.52 22.33
C PRO E 33 -8.08 -9.41 23.36
N HIS E 34 -7.97 -10.43 24.20
CA HIS E 34 -6.98 -10.44 25.25
CA HIS E 34 -6.97 -10.43 25.26
C HIS E 34 -5.58 -10.50 24.64
N CYS E 35 -5.47 -11.12 23.48
CA CYS E 35 -4.19 -11.17 22.77
C CYS E 35 -3.90 -9.83 22.12
N TYR E 36 -4.96 -9.11 21.78
CA TYR E 36 -4.81 -7.78 21.20
C TYR E 36 -4.25 -6.81 22.24
N GLN E 37 -4.84 -6.83 23.44
CA GLN E 37 -4.38 -6.01 24.54
C GLN E 37 -2.94 -6.37 24.85
N PHE E 38 -2.70 -7.67 24.91
CA PHE E 38 -1.39 -8.25 25.21
C PHE E 38 -0.30 -7.71 24.31
N GLU E 39 -0.53 -7.78 23.00
CA GLU E 39 0.52 -7.53 22.02
C GLU E 39 0.53 -6.09 21.50
N GLU E 40 -0.64 -5.56 21.21
CA GLU E 40 -0.73 -4.27 20.52
C GLU E 40 -1.01 -3.10 21.46
N VAL E 41 -1.39 -3.40 22.71
CA VAL E 41 -1.62 -2.36 23.71
C VAL E 41 -0.53 -2.42 24.77
N LEU E 42 -0.41 -3.56 25.42
CA LEU E 42 0.60 -3.76 26.45
C LEU E 42 1.98 -4.03 25.87
N HIS E 43 2.01 -4.73 24.74
CA HIS E 43 3.27 -5.13 24.12
C HIS E 43 4.10 -5.95 25.10
N VAL E 44 3.45 -6.91 25.73
CA VAL E 44 4.10 -7.72 26.76
C VAL E 44 5.32 -8.41 26.21
N SER E 45 5.15 -9.06 25.06
CA SER E 45 6.20 -9.87 24.45
C SER E 45 7.48 -9.08 24.24
N ASP E 46 7.35 -7.84 23.80
CA ASP E 46 8.51 -6.98 23.59
C ASP E 46 9.17 -6.59 24.91
N ASN E 47 8.36 -6.39 25.94
CA ASN E 47 8.88 -6.05 27.27
C ASN E 47 9.58 -7.25 27.88
N VAL E 48 9.05 -8.43 27.60
CA VAL E 48 9.67 -9.68 28.01
C VAL E 48 11.03 -9.81 27.31
N ARG E 49 11.05 -9.49 26.02
CA ARG E 49 12.24 -9.65 25.19
C ARG E 49 13.42 -8.82 25.70
N GLN E 50 13.15 -7.59 26.10
N GLN E 50 13.14 -7.58 26.08
CA GLN E 50 14.20 -6.69 26.58
CA GLN E 50 14.15 -6.67 26.61
C GLN E 50 14.71 -7.10 27.95
C GLN E 50 14.73 -7.15 27.92
N LYS E 51 13.92 -7.90 28.67
CA LYS E 51 14.33 -8.39 29.98
C LYS E 51 14.87 -9.81 29.89
N LEU E 52 14.98 -10.33 28.66
CA LEU E 52 15.41 -11.69 28.46
C LEU E 52 16.92 -11.81 28.49
N PRO E 53 17.44 -12.87 29.13
CA PRO E 53 18.87 -13.20 29.06
C PRO E 53 19.33 -13.28 27.61
N GLU E 54 20.61 -13.05 27.36
CA GLU E 54 21.10 -13.02 26.00
C GLU E 54 21.33 -14.44 25.48
N GLY E 55 20.85 -14.70 24.27
CA GLY E 55 20.94 -16.02 23.67
C GLY E 55 19.60 -16.74 23.72
N THR E 56 18.57 -16.02 24.15
CA THR E 56 17.25 -16.60 24.32
C THR E 56 16.28 -16.09 23.27
N LYS E 57 15.76 -17.02 22.47
CA LYS E 57 14.82 -16.72 21.42
C LYS E 57 13.39 -16.76 21.94
N MET E 58 12.66 -15.68 21.68
CA MET E 58 11.22 -15.65 21.92
C MET E 58 10.50 -16.23 20.72
N THR E 59 9.63 -17.20 20.97
CA THR E 59 8.87 -17.85 19.91
C THR E 59 7.37 -17.60 20.10
N LYS E 60 6.62 -17.61 19.00
CA LYS E 60 5.20 -17.36 19.02
C LYS E 60 4.46 -18.30 18.07
N TYR E 61 3.46 -19.00 18.60
CA TYR E 61 2.59 -19.85 17.78
C TYR E 61 1.16 -19.33 17.74
N HIS E 62 0.50 -19.55 16.62
CA HIS E 62 -0.91 -19.23 16.47
C HIS E 62 -1.74 -20.49 16.69
N VAL E 63 -3.00 -20.33 17.10
CA VAL E 63 -3.88 -21.47 17.38
C VAL E 63 -5.09 -21.49 16.45
N GLU E 64 -5.57 -22.69 16.14
CA GLU E 64 -6.61 -22.88 15.13
C GLU E 64 -8.01 -22.93 15.72
N PHE E 65 -8.10 -23.14 17.03
CA PHE E 65 -9.38 -23.43 17.66
C PHE E 65 -10.20 -22.17 17.98
N LEU E 66 -9.72 -21.00 17.53
CA LEU E 66 -10.44 -19.75 17.74
C LEU E 66 -10.90 -19.14 16.43
N GLY E 67 -12.21 -18.92 16.33
CA GLY E 67 -12.77 -18.18 15.22
C GLY E 67 -12.95 -18.98 13.93
N PRO E 68 -13.69 -18.41 12.97
CA PRO E 68 -13.99 -19.03 11.67
C PRO E 68 -12.76 -19.48 10.88
N LEU E 69 -11.73 -18.64 10.83
CA LEU E 69 -10.58 -18.91 9.98
C LEU E 69 -9.35 -19.27 10.82
N GLY E 70 -9.56 -19.92 11.95
CA GLY E 70 -8.46 -20.22 12.85
C GLY E 70 -7.41 -21.08 12.18
N LYS E 71 -7.89 -22.05 11.40
CA LYS E 71 -7.01 -22.96 10.70
C LYS E 71 -6.16 -22.22 9.67
N ASP E 72 -6.79 -21.34 8.92
CA ASP E 72 -6.10 -20.59 7.87
C ASP E 72 -5.14 -19.56 8.43
N LEU E 73 -5.56 -18.86 9.46
CA LEU E 73 -4.71 -17.85 10.09
C LEU E 73 -3.46 -18.48 10.70
N THR E 74 -3.61 -19.72 11.15
CA THR E 74 -2.47 -20.45 11.70
C THR E 74 -1.50 -20.84 10.58
N GLN E 75 -2.03 -21.19 9.42
CA GLN E 75 -1.21 -21.47 8.26
C GLN E 75 -0.55 -20.19 7.76
N ALA E 76 -1.29 -19.09 7.88
CA ALA E 76 -0.78 -17.78 7.47
C ALA E 76 0.32 -17.31 8.42
N TRP E 77 0.22 -17.71 9.67
CA TRP E 77 1.24 -17.35 10.66
C TRP E 77 2.54 -18.08 10.31
N ALA E 78 2.40 -19.35 9.92
CA ALA E 78 3.52 -20.15 9.47
C ALA E 78 4.23 -19.46 8.32
N VAL E 79 3.44 -18.90 7.40
CA VAL E 79 4.00 -18.13 6.29
C VAL E 79 4.78 -16.94 6.83
N ALA E 80 4.24 -16.28 7.85
CA ALA E 80 4.89 -15.09 8.41
C ALA E 80 6.20 -15.47 9.06
N ILE E 81 6.24 -16.66 9.63
CA ILE E 81 7.45 -17.20 10.24
C ILE E 81 8.45 -17.59 9.16
N ALA E 82 7.98 -18.32 8.15
CA ALA E 82 8.83 -18.79 7.06
C ALA E 82 9.44 -17.63 6.28
N LEU E 83 8.69 -16.54 6.14
CA LEU E 83 9.14 -15.38 5.38
C LEU E 83 9.86 -14.38 6.28
N GLY E 84 9.69 -14.52 7.58
CA GLY E 84 10.32 -13.63 8.55
C GLY E 84 9.71 -12.24 8.56
N VAL E 85 8.39 -12.18 8.40
CA VAL E 85 7.68 -10.90 8.28
C VAL E 85 6.63 -10.71 9.37
N GLU E 86 6.86 -11.33 10.52
CA GLU E 86 5.94 -11.21 11.65
C GLU E 86 5.81 -9.77 12.13
N ASP E 87 6.95 -9.07 12.17
CA ASP E 87 6.98 -7.72 12.70
C ASP E 87 6.28 -6.73 11.77
N LYS E 88 5.96 -7.19 10.56
CA LYS E 88 5.27 -6.37 9.58
C LYS E 88 3.75 -6.57 9.66
N ILE E 89 3.32 -7.81 9.91
CA ILE E 89 1.92 -8.19 9.72
C ILE E 89 1.11 -8.34 11.01
N THR E 90 1.79 -8.42 12.15
CA THR E 90 1.12 -8.71 13.40
C THR E 90 0.09 -7.64 13.74
N ALA E 91 0.53 -6.38 13.73
CA ALA E 91 -0.33 -5.25 14.06
C ALA E 91 -1.50 -5.07 13.08
N PRO E 92 -1.22 -5.02 11.77
CA PRO E 92 -2.32 -4.85 10.81
C PRO E 92 -3.33 -5.99 10.85
N MET E 93 -2.89 -7.21 11.06
CA MET E 93 -3.81 -8.34 11.09
C MET E 93 -4.66 -8.30 12.34
N PHE E 94 -4.07 -7.88 13.46
CA PHE E 94 -4.83 -7.75 14.69
C PHE E 94 -5.91 -6.68 14.53
N GLU E 95 -5.52 -5.59 13.88
CA GLU E 95 -6.41 -4.49 13.64
C GLU E 95 -7.48 -4.89 12.63
N ALA E 96 -7.04 -5.48 11.53
CA ALA E 96 -7.92 -5.92 10.46
C ALA E 96 -8.97 -6.92 10.95
N VAL E 97 -8.52 -7.89 11.74
CA VAL E 97 -9.38 -8.99 12.15
C VAL E 97 -10.39 -8.55 13.20
N GLN E 98 -9.96 -7.73 14.15
CA GLN E 98 -10.80 -7.37 15.29
C GLN E 98 -11.42 -5.99 15.19
N LYS E 99 -10.60 -4.97 15.03
CA LYS E 99 -11.09 -3.59 15.08
C LYS E 99 -11.75 -3.19 13.79
N THR E 100 -11.21 -3.67 12.68
CA THR E 100 -11.72 -3.29 11.37
C THR E 100 -12.63 -4.41 10.81
N GLN E 101 -12.33 -5.65 11.19
CA GLN E 101 -13.18 -6.80 10.85
C GLN E 101 -13.32 -6.98 9.34
N THR E 102 -12.20 -6.82 8.64
CA THR E 102 -12.19 -6.89 7.17
C THR E 102 -11.62 -8.21 6.68
N VAL E 103 -11.54 -9.20 7.57
CA VAL E 103 -11.01 -10.51 7.21
C VAL E 103 -12.11 -11.54 7.41
N GLN E 104 -12.68 -12.00 6.30
CA GLN E 104 -13.76 -12.98 6.33
C GLN E 104 -13.45 -14.18 5.44
N SER E 105 -12.39 -14.09 4.65
CA SER E 105 -12.01 -15.18 3.76
C SER E 105 -10.49 -15.35 3.67
N VAL E 106 -10.08 -16.39 2.96
CA VAL E 106 -8.68 -16.68 2.73
C VAL E 106 -7.97 -15.54 2.01
N ALA E 107 -8.60 -15.04 0.94
CA ALA E 107 -8.00 -14.01 0.12
C ALA E 107 -7.75 -12.73 0.90
N ASP E 108 -8.60 -12.49 1.90
CA ASP E 108 -8.51 -11.27 2.68
C ASP E 108 -7.25 -11.27 3.53
N ILE E 109 -6.93 -12.42 4.09
CA ILE E 109 -5.73 -12.59 4.90
C ILE E 109 -4.50 -12.18 4.10
N ARG E 110 -4.41 -12.70 2.88
CA ARG E 110 -3.31 -12.40 1.98
C ARG E 110 -3.20 -10.90 1.70
N LYS E 111 -4.33 -10.24 1.52
CA LYS E 111 -4.34 -8.82 1.22
C LYS E 111 -3.72 -8.01 2.35
N VAL E 112 -3.92 -8.46 3.58
CA VAL E 112 -3.33 -7.79 4.73
C VAL E 112 -1.83 -7.88 4.63
N PHE E 113 -1.35 -9.08 4.32
CA PHE E 113 0.06 -9.33 4.11
C PHE E 113 0.61 -8.41 3.04
N VAL E 114 -0.04 -8.44 1.89
CA VAL E 114 0.40 -7.64 0.76
C VAL E 114 0.32 -6.15 1.08
N ASP E 115 -0.81 -5.73 1.63
CA ASP E 115 -0.99 -4.33 2.01
C ASP E 115 0.05 -3.92 3.03
N ALA E 116 0.58 -4.89 3.76
CA ALA E 116 1.58 -4.62 4.79
C ALA E 116 3.01 -4.66 4.23
N GLY E 117 3.18 -5.19 3.02
CA GLY E 117 4.45 -5.09 2.33
C GLY E 117 4.97 -6.36 1.68
N VAL E 118 4.35 -7.50 1.97
CA VAL E 118 4.81 -8.77 1.42
C VAL E 118 4.38 -8.94 -0.03
N LYS E 119 5.30 -9.41 -0.86
CA LYS E 119 4.94 -9.70 -2.25
C LYS E 119 4.07 -10.95 -2.30
N GLY E 120 2.92 -10.82 -2.96
CA GLY E 120 1.94 -11.90 -3.01
C GLY E 120 2.49 -13.19 -3.59
N GLU E 121 3.45 -13.08 -4.52
CA GLU E 121 4.01 -14.26 -5.15
C GLU E 121 5.03 -14.95 -4.24
N ASP E 122 5.46 -14.24 -3.19
CA ASP E 122 6.31 -14.83 -2.17
C ASP E 122 5.43 -15.51 -1.12
N TYR E 123 4.37 -14.82 -0.74
CA TYR E 123 3.39 -15.33 0.22
C TYR E 123 2.82 -16.68 -0.18
N ASP E 124 2.49 -16.82 -1.47
CA ASP E 124 1.81 -18.02 -1.94
C ASP E 124 2.78 -19.17 -2.17
N ALA E 125 4.02 -18.84 -2.52
CA ALA E 125 5.09 -19.82 -2.60
C ALA E 125 5.24 -20.50 -1.24
N ALA E 126 5.16 -19.69 -0.20
CA ALA E 126 5.32 -20.18 1.16
C ALA E 126 4.10 -20.96 1.61
N TRP E 127 2.92 -20.45 1.27
CA TRP E 127 1.66 -21.03 1.70
C TRP E 127 1.54 -22.51 1.34
N ASN E 128 2.10 -22.88 0.19
CA ASN E 128 2.06 -24.26 -0.28
C ASN E 128 3.40 -24.96 -0.14
N SER E 129 4.24 -24.46 0.76
CA SER E 129 5.58 -25.02 0.93
C SER E 129 5.57 -26.12 1.97
N PHE E 130 6.55 -27.01 1.86
CA PHE E 130 6.72 -28.12 2.80
C PHE E 130 6.98 -27.61 4.21
N VAL E 131 7.76 -26.54 4.32
CA VAL E 131 8.15 -26.04 5.61
C VAL E 131 6.94 -25.47 6.34
N VAL E 132 6.05 -24.80 5.60
CA VAL E 132 4.89 -24.17 6.20
C VAL E 132 3.90 -25.20 6.73
N LYS E 133 3.69 -26.28 5.98
CA LYS E 133 2.78 -27.33 6.42
C LYS E 133 3.39 -28.10 7.58
N SER E 134 4.71 -28.01 7.73
CA SER E 134 5.41 -28.60 8.87
C SER E 134 5.25 -27.68 10.07
N LEU E 135 5.32 -26.38 9.80
CA LEU E 135 5.18 -25.37 10.83
C LEU E 135 3.78 -25.38 11.43
N VAL E 136 2.78 -25.63 10.58
CA VAL E 136 1.41 -25.75 11.05
C VAL E 136 1.30 -26.91 12.01
N ALA E 137 1.70 -28.09 11.55
CA ALA E 137 1.64 -29.31 12.35
C ALA E 137 2.39 -29.14 13.67
N GLN E 138 3.49 -28.41 13.62
CA GLN E 138 4.31 -28.16 14.80
C GLN E 138 3.53 -27.31 15.80
N GLN E 139 2.86 -26.28 15.29
CA GLN E 139 2.04 -25.43 16.12
C GLN E 139 0.90 -26.24 16.73
N GLU E 140 0.30 -27.11 15.91
CA GLU E 140 -0.79 -27.96 16.38
C GLU E 140 -0.30 -28.88 17.47
N LYS E 141 0.90 -29.42 17.27
CA LYS E 141 1.46 -30.41 18.16
C LYS E 141 1.80 -29.82 19.52
N ALA E 142 2.48 -28.68 19.52
CA ALA E 142 2.93 -28.04 20.74
C ALA E 142 1.76 -27.72 21.67
N ALA E 143 0.68 -27.21 21.09
CA ALA E 143 -0.51 -26.84 21.85
C ALA E 143 -1.10 -28.04 22.60
N ALA E 144 -1.13 -29.18 21.93
CA ALA E 144 -1.70 -30.40 22.51
C ALA E 144 -0.76 -30.98 23.55
N ASP E 145 0.53 -31.05 23.20
CA ASP E 145 1.55 -31.59 24.11
C ASP E 145 1.58 -30.81 25.41
N LEU E 146 1.49 -29.49 25.30
CA LEU E 146 1.55 -28.61 26.46
C LEU E 146 0.17 -28.47 27.11
N GLN E 147 -0.84 -29.10 26.52
CA GLN E 147 -2.19 -29.10 27.07
C GLN E 147 -2.72 -27.69 27.21
N LEU E 148 -2.52 -26.91 26.14
CA LEU E 148 -3.01 -25.54 26.06
C LEU E 148 -4.53 -25.51 26.20
N GLN E 149 -5.03 -24.63 27.06
CA GLN E 149 -6.45 -24.55 27.33
C GLN E 149 -6.98 -23.14 27.13
N GLY E 150 -6.17 -22.26 26.55
CA GLY E 150 -6.60 -20.91 26.28
C GLY E 150 -5.47 -19.97 25.96
N VAL E 151 -5.82 -18.91 25.23
CA VAL E 151 -4.86 -17.88 24.87
C VAL E 151 -5.31 -16.54 25.44
N PRO E 152 -4.35 -15.64 25.67
CA PRO E 152 -2.91 -15.87 25.46
C PRO E 152 -2.29 -16.70 26.58
N ALA E 153 -1.24 -17.43 26.26
CA ALA E 153 -0.48 -18.19 27.25
C ALA E 153 0.99 -18.19 26.88
N MET E 154 1.83 -18.53 27.85
CA MET E 154 3.26 -18.58 27.62
C MET E 154 3.90 -19.64 28.48
N TYR E 155 4.78 -20.43 27.86
CA TYR E 155 5.49 -21.50 28.54
C TYR E 155 6.99 -21.26 28.46
N VAL E 156 7.71 -21.66 29.50
CA VAL E 156 9.16 -21.50 29.57
C VAL E 156 9.85 -22.85 29.73
N ASN E 157 10.73 -23.17 28.78
CA ASN E 157 11.53 -24.40 28.83
C ASN E 157 10.68 -25.67 28.91
N GLY E 158 9.44 -25.58 28.46
CA GLY E 158 8.52 -26.70 28.54
C GLY E 158 8.21 -27.16 29.96
N LYS E 159 8.77 -26.47 30.95
CA LYS E 159 8.63 -26.84 32.36
C LYS E 159 7.52 -26.05 33.03
N TYR E 160 7.40 -24.78 32.66
CA TYR E 160 6.62 -23.82 33.43
C TYR E 160 5.62 -23.07 32.57
N GLN E 161 4.47 -22.77 33.17
CA GLN E 161 3.44 -21.96 32.52
C GLN E 161 3.22 -20.69 33.33
N LEU E 162 3.13 -19.57 32.63
CA LEU E 162 2.92 -18.29 33.30
C LEU E 162 1.49 -18.09 33.75
N ASN E 163 1.34 -17.43 34.89
CA ASN E 163 0.05 -17.17 35.48
C ASN E 163 -0.17 -15.70 35.80
N PRO E 164 -0.73 -14.95 34.83
CA PRO E 164 -1.04 -13.53 35.07
C PRO E 164 -2.07 -13.32 36.19
N GLN E 165 -2.80 -14.37 36.55
CA GLN E 165 -3.77 -14.29 37.63
C GLN E 165 -3.11 -13.98 38.96
N GLY E 166 -1.93 -14.56 39.18
CA GLY E 166 -1.20 -14.35 40.42
C GLY E 166 -0.33 -13.11 40.38
N MET E 167 -0.55 -12.27 39.38
CA MET E 167 0.20 -11.03 39.25
C MET E 167 -0.65 -9.82 39.60
N ASP E 168 0.02 -8.69 39.82
CA ASP E 168 -0.65 -7.45 40.14
C ASP E 168 -1.24 -6.84 38.87
N THR E 169 -2.57 -6.84 38.80
CA THR E 169 -3.29 -6.27 37.67
C THR E 169 -3.89 -4.91 38.05
N SER E 170 -3.42 -4.33 39.15
CA SER E 170 -3.91 -3.04 39.60
C SER E 170 -3.38 -1.92 38.71
N ASN E 171 -2.24 -2.19 38.09
CA ASN E 171 -1.62 -1.24 37.17
C ASN E 171 -0.98 -2.03 36.05
N MET E 172 -1.13 -1.54 34.83
CA MET E 172 -0.68 -2.28 33.66
C MET E 172 0.83 -2.22 33.50
N ASP E 173 1.43 -1.07 33.79
CA ASP E 173 2.88 -0.96 33.73
C ASP E 173 3.51 -1.86 34.78
N VAL E 174 2.87 -1.96 35.93
CA VAL E 174 3.31 -2.85 36.99
C VAL E 174 3.17 -4.30 36.55
N PHE E 175 2.05 -4.61 35.93
CA PHE E 175 1.75 -5.96 35.49
C PHE E 175 2.73 -6.46 34.42
N VAL E 176 2.96 -5.60 33.44
CA VAL E 176 3.79 -5.94 32.29
C VAL E 176 5.23 -6.19 32.72
N ALA E 177 5.71 -5.37 33.67
CA ALA E 177 7.06 -5.50 34.18
C ALA E 177 7.20 -6.78 34.99
N GLN E 178 6.13 -7.13 35.71
CA GLN E 178 6.12 -8.33 36.53
C GLN E 178 6.09 -9.57 35.67
N TYR E 179 5.38 -9.47 34.56
CA TYR E 179 5.29 -10.55 33.60
C TYR E 179 6.69 -10.77 33.01
N ALA E 180 7.35 -9.68 32.64
CA ALA E 180 8.69 -9.73 32.08
C ALA E 180 9.71 -10.31 33.05
N ASP E 181 9.69 -9.83 34.30
CA ASP E 181 10.64 -10.30 35.29
C ASP E 181 10.37 -11.76 35.66
N THR E 182 9.11 -12.15 35.63
CA THR E 182 8.74 -13.51 35.95
C THR E 182 9.29 -14.46 34.90
N VAL E 183 9.22 -14.06 33.64
CA VAL E 183 9.78 -14.85 32.54
C VAL E 183 11.29 -14.95 32.71
N LYS E 184 11.94 -13.80 32.76
CA LYS E 184 13.38 -13.72 32.93
C LYS E 184 13.83 -14.65 34.05
N GLN E 185 13.13 -14.60 35.17
CA GLN E 185 13.53 -15.35 36.35
C GLN E 185 13.25 -16.84 36.18
N LEU E 186 12.29 -17.19 35.34
CA LEU E 186 11.98 -18.58 35.06
C LEU E 186 13.01 -19.21 34.13
N VAL E 187 13.64 -18.38 33.30
CA VAL E 187 14.69 -18.84 32.39
C VAL E 187 16.00 -19.07 33.15
N GLU E 188 16.27 -18.22 34.12
CA GLU E 188 17.47 -18.30 34.93
C GLU E 188 17.49 -19.56 35.80
N LYS E 189 16.32 -20.18 35.95
CA LYS E 189 16.21 -21.42 36.71
C LYS E 189 16.87 -22.57 35.97
N LYS E 190 16.57 -22.66 34.67
CA LYS E 190 17.12 -23.68 33.76
C LYS E 190 17.36 -25.03 34.43
N ILE F 5 25.47 2.06 -4.77
CA ILE F 5 25.89 0.70 -5.08
C ILE F 5 25.54 0.35 -6.52
N THR F 6 26.15 -0.71 -7.04
CA THR F 6 26.05 -1.05 -8.46
C THR F 6 26.02 -2.56 -8.66
N ASP F 7 25.24 -2.98 -9.66
CA ASP F 7 25.14 -4.39 -10.00
C ASP F 7 26.48 -4.91 -10.54
N GLY F 8 26.88 -6.09 -10.08
CA GLY F 8 28.11 -6.71 -10.54
C GLY F 8 29.32 -6.25 -9.74
N LYS F 9 29.15 -5.17 -8.99
CA LYS F 9 30.22 -4.60 -8.20
C LYS F 9 30.06 -5.01 -6.73
N GLN F 10 29.27 -4.23 -5.99
CA GLN F 10 29.07 -4.47 -4.57
C GLN F 10 28.05 -5.57 -4.35
N TYR F 11 27.41 -6.01 -5.44
CA TYR F 11 26.43 -7.07 -5.35
C TYR F 11 26.09 -7.59 -6.75
N ILE F 12 25.73 -8.87 -6.82
CA ILE F 12 25.25 -9.47 -8.05
C ILE F 12 23.73 -9.51 -7.99
N THR F 13 23.11 -9.66 -9.15
CA THR F 13 21.66 -9.81 -9.25
C THR F 13 21.35 -11.11 -9.98
N LEU F 14 20.49 -11.94 -9.40
CA LEU F 14 20.22 -13.25 -9.95
C LEU F 14 19.33 -13.17 -11.20
N ASP F 15 19.54 -14.09 -12.13
CA ASP F 15 18.74 -14.16 -13.34
C ASP F 15 17.59 -15.17 -13.18
N LYS F 16 17.68 -15.98 -12.13
CA LYS F 16 16.58 -16.87 -11.77
C LYS F 16 16.23 -16.65 -10.30
N PRO F 17 15.60 -15.50 -10.01
CA PRO F 17 15.15 -15.13 -8.65
C PRO F 17 14.02 -16.01 -8.17
N ILE F 18 14.06 -16.41 -6.91
CA ILE F 18 13.09 -17.33 -6.35
C ILE F 18 12.17 -16.65 -5.35
N ALA F 19 10.91 -17.09 -5.36
CA ALA F 19 9.89 -16.52 -4.51
C ALA F 19 9.70 -17.37 -3.26
N GLY F 20 9.26 -16.73 -2.18
CA GLY F 20 8.99 -17.43 -0.93
C GLY F 20 10.21 -17.54 -0.06
N GLU F 21 11.20 -16.70 -0.32
CA GLU F 21 12.47 -16.77 0.40
C GLU F 21 12.57 -15.72 1.50
N PRO F 22 13.32 -16.02 2.57
CA PRO F 22 13.62 -15.04 3.62
C PRO F 22 14.25 -13.78 3.01
N GLN F 23 14.10 -12.65 3.68
CA GLN F 23 14.61 -11.39 3.14
C GLN F 23 16.13 -11.33 3.15
N VAL F 24 16.74 -11.78 4.25
CA VAL F 24 18.19 -11.83 4.35
C VAL F 24 18.61 -13.22 4.77
N LEU F 25 19.05 -14.00 3.79
CA LEU F 25 19.41 -15.39 4.02
C LEU F 25 20.89 -15.62 3.81
N GLU F 26 21.53 -16.22 4.79
CA GLU F 26 22.95 -16.54 4.72
C GLU F 26 23.17 -18.04 4.68
N PHE F 27 24.21 -18.46 3.98
CA PHE F 27 24.64 -19.86 3.95
C PHE F 27 26.04 -19.98 4.50
N PHE F 28 26.27 -20.99 5.33
CA PHE F 28 27.59 -21.19 5.90
C PHE F 28 27.87 -22.64 6.23
N SER F 29 29.09 -22.88 6.66
CA SER F 29 29.56 -24.19 7.05
C SER F 29 30.54 -24.01 8.19
N PHE F 30 30.36 -24.76 9.26
CA PHE F 30 31.29 -24.72 10.38
C PHE F 30 32.67 -25.23 9.97
N TYR F 31 32.74 -25.99 8.89
CA TYR F 31 34.00 -26.51 8.38
C TYR F 31 34.77 -25.45 7.62
N CYS F 32 34.07 -24.39 7.22
CA CYS F 32 34.61 -23.43 6.27
C CYS F 32 35.48 -22.34 6.94
N PRO F 33 36.75 -22.22 6.52
CA PRO F 33 37.67 -21.20 7.04
C PRO F 33 37.16 -19.77 6.88
N HIS F 34 36.65 -19.45 5.70
CA HIS F 34 36.20 -18.10 5.41
C HIS F 34 34.93 -17.80 6.20
N CYS F 35 34.16 -18.83 6.51
CA CYS F 35 32.95 -18.69 7.31
C CYS F 35 33.30 -18.45 8.78
N TYR F 36 34.40 -19.02 9.23
CA TYR F 36 34.90 -18.73 10.57
C TYR F 36 35.24 -17.26 10.66
N GLN F 37 35.96 -16.75 9.65
CA GLN F 37 36.34 -15.36 9.60
C GLN F 37 35.11 -14.45 9.53
N PHE F 38 34.21 -14.80 8.64
CA PHE F 38 33.00 -14.02 8.37
C PHE F 38 32.18 -13.80 9.63
N GLU F 39 31.97 -14.89 10.37
CA GLU F 39 31.04 -14.88 11.49
C GLU F 39 31.73 -14.65 12.83
N GLU F 40 32.96 -15.15 12.97
CA GLU F 40 33.60 -15.20 14.28
C GLU F 40 34.63 -14.10 14.52
N VAL F 41 35.11 -13.46 13.45
CA VAL F 41 36.18 -12.47 13.59
C VAL F 41 35.75 -11.09 13.10
N LEU F 42 35.17 -11.03 11.90
CA LEU F 42 34.66 -9.78 11.35
C LEU F 42 33.28 -9.49 11.91
N HIS F 43 32.56 -10.55 12.26
CA HIS F 43 31.21 -10.44 12.80
C HIS F 43 30.31 -9.68 11.84
N VAL F 44 30.30 -10.10 10.59
CA VAL F 44 29.56 -9.41 9.55
C VAL F 44 28.05 -9.45 9.78
N SER F 45 27.50 -10.66 9.84
CA SER F 45 26.07 -10.85 10.05
C SER F 45 25.55 -10.02 11.20
N ASP F 46 26.34 -9.96 12.27
CA ASP F 46 26.02 -9.13 13.41
C ASP F 46 25.99 -7.64 13.03
N ASN F 47 26.91 -7.23 12.18
CA ASN F 47 26.96 -5.84 11.73
C ASN F 47 25.88 -5.54 10.72
N VAL F 48 25.48 -6.57 9.98
CA VAL F 48 24.38 -6.43 9.04
C VAL F 48 23.09 -6.18 9.81
N ARG F 49 22.85 -7.01 10.82
CA ARG F 49 21.61 -7.00 11.60
C ARG F 49 21.24 -5.60 12.10
N GLN F 50 22.25 -4.85 12.52
CA GLN F 50 22.03 -3.55 13.12
C GLN F 50 21.68 -2.50 12.07
N LYS F 51 22.19 -2.69 10.85
CA LYS F 51 21.89 -1.78 9.75
C LYS F 51 20.60 -2.13 9.05
N LEU F 52 19.95 -3.20 9.51
CA LEU F 52 18.71 -3.64 8.90
C LEU F 52 17.54 -2.83 9.43
N PRO F 53 16.65 -2.36 8.53
CA PRO F 53 15.43 -1.68 8.97
C PRO F 53 14.62 -2.56 9.91
N GLU F 54 13.83 -1.94 10.78
CA GLU F 54 12.99 -2.68 11.70
C GLU F 54 12.05 -3.58 10.91
N GLY F 55 11.80 -4.78 11.43
CA GLY F 55 10.88 -5.71 10.81
C GLY F 55 11.57 -6.57 9.76
N THR F 56 12.89 -6.50 9.72
CA THR F 56 13.68 -7.26 8.76
C THR F 56 14.55 -8.25 9.52
N LYS F 57 14.37 -9.53 9.23
CA LYS F 57 15.04 -10.58 9.96
C LYS F 57 16.24 -11.11 9.20
N MET F 58 17.23 -11.59 9.95
CA MET F 58 18.39 -12.24 9.40
C MET F 58 18.19 -13.73 9.55
N THR F 59 18.45 -14.46 8.47
CA THR F 59 18.33 -15.91 8.49
C THR F 59 19.63 -16.55 8.04
N LYS F 60 19.99 -17.65 8.68
CA LYS F 60 21.20 -18.39 8.37
C LYS F 60 20.91 -19.87 8.17
N TYR F 61 21.34 -20.42 7.05
CA TYR F 61 21.28 -21.85 6.81
C TYR F 61 22.68 -22.44 6.81
N HIS F 62 22.78 -23.72 7.15
CA HIS F 62 24.05 -24.44 7.12
C HIS F 62 24.10 -25.35 5.90
N VAL F 63 25.27 -25.50 5.32
CA VAL F 63 25.42 -26.27 4.09
C VAL F 63 25.93 -27.67 4.36
N GLU F 64 25.48 -28.62 3.55
CA GLU F 64 25.82 -30.02 3.76
C GLU F 64 27.06 -30.50 3.02
N PHE F 65 27.50 -29.77 2.00
CA PHE F 65 28.52 -30.32 1.10
C PHE F 65 29.91 -30.43 1.72
N LEU F 66 30.26 -29.53 2.61
CA LEU F 66 31.59 -29.53 3.20
C LEU F 66 31.75 -30.54 4.33
N GLY F 67 32.91 -31.20 4.33
CA GLY F 67 33.32 -32.04 5.43
C GLY F 67 32.54 -33.32 5.58
N PRO F 68 33.04 -34.22 6.44
CA PRO F 68 32.45 -35.54 6.62
C PRO F 68 31.20 -35.57 7.50
N LEU F 69 31.00 -34.55 8.33
CA LEU F 69 29.82 -34.48 9.19
C LEU F 69 28.93 -33.30 8.80
N GLY F 70 29.12 -32.80 7.58
CA GLY F 70 28.40 -31.62 7.12
C GLY F 70 26.90 -31.82 7.18
N LYS F 71 26.47 -33.06 6.98
CA LYS F 71 25.05 -33.40 7.00
C LYS F 71 24.54 -33.30 8.43
N ASP F 72 25.25 -33.93 9.35
CA ASP F 72 24.86 -33.95 10.76
C ASP F 72 24.99 -32.57 11.39
N LEU F 73 25.87 -31.74 10.85
CA LEU F 73 25.99 -30.36 11.31
C LEU F 73 24.80 -29.54 10.84
N THR F 74 24.26 -29.91 9.67
CA THR F 74 23.11 -29.21 9.11
C THR F 74 21.86 -29.61 9.88
N GLN F 75 21.82 -30.86 10.33
CA GLN F 75 20.74 -31.35 11.15
C GLN F 75 20.85 -30.81 12.57
N ALA F 76 22.07 -30.55 13.00
CA ALA F 76 22.31 -29.98 14.32
C ALA F 76 21.89 -28.52 14.31
N TRP F 77 22.27 -27.81 13.26
CA TRP F 77 21.90 -26.43 13.09
C TRP F 77 20.39 -26.29 13.00
N ALA F 78 19.74 -27.32 12.44
CA ALA F 78 18.28 -27.37 12.39
C ALA F 78 17.71 -27.43 13.80
N VAL F 79 18.31 -28.28 14.62
CA VAL F 79 17.95 -28.40 16.04
C VAL F 79 18.13 -27.05 16.75
N ALA F 80 19.20 -26.34 16.39
CA ALA F 80 19.50 -25.04 17.01
C ALA F 80 18.38 -24.06 16.73
N ILE F 81 17.95 -24.03 15.48
CA ILE F 81 16.85 -23.18 15.06
C ILE F 81 15.59 -23.59 15.82
N ALA F 82 15.28 -24.87 15.77
CA ALA F 82 14.07 -25.42 16.39
C ALA F 82 14.01 -25.14 17.89
N LEU F 83 15.18 -25.03 18.52
CA LEU F 83 15.27 -24.78 19.95
C LEU F 83 15.56 -23.31 20.23
N GLY F 84 15.97 -22.58 19.19
CA GLY F 84 16.28 -21.17 19.34
C GLY F 84 17.51 -20.94 20.19
N VAL F 85 18.53 -21.76 19.97
CA VAL F 85 19.76 -21.70 20.77
C VAL F 85 20.97 -21.39 19.89
N GLU F 86 20.71 -20.83 18.71
CA GLU F 86 21.76 -20.50 17.75
C GLU F 86 22.90 -19.70 18.38
N ASP F 87 22.56 -18.69 19.16
CA ASP F 87 23.57 -17.76 19.69
C ASP F 87 24.41 -18.39 20.79
N LYS F 88 23.89 -19.45 21.41
CA LYS F 88 24.65 -20.18 22.41
C LYS F 88 25.67 -21.10 21.72
N ILE F 89 25.37 -21.46 20.47
CA ILE F 89 26.00 -22.61 19.83
C ILE F 89 26.97 -22.26 18.71
N THR F 90 26.81 -21.08 18.13
CA THR F 90 27.59 -20.72 16.96
C THR F 90 29.07 -20.65 17.29
N ALA F 91 29.42 -19.87 18.31
CA ALA F 91 30.82 -19.72 18.69
C ALA F 91 31.48 -21.04 19.12
N PRO F 92 30.85 -21.79 20.04
CA PRO F 92 31.46 -23.07 20.47
C PRO F 92 31.72 -24.05 19.34
N MET F 93 30.82 -24.09 18.36
CA MET F 93 30.93 -25.08 17.29
C MET F 93 32.06 -24.73 16.32
N PHE F 94 32.23 -23.44 16.04
CA PHE F 94 33.29 -23.00 15.14
C PHE F 94 34.67 -23.32 15.72
N GLU F 95 34.85 -23.08 17.01
CA GLU F 95 36.11 -23.39 17.68
C GLU F 95 36.34 -24.90 17.70
N ALA F 96 35.31 -25.64 18.09
CA ALA F 96 35.42 -27.07 18.29
C ALA F 96 35.69 -27.82 16.99
N VAL F 97 35.14 -27.32 15.90
CA VAL F 97 35.27 -27.97 14.61
C VAL F 97 36.61 -27.67 13.97
N GLN F 98 37.05 -26.42 14.08
CA GLN F 98 38.20 -25.95 13.33
C GLN F 98 39.44 -25.73 14.19
N LYS F 99 39.28 -25.06 15.32
CA LYS F 99 40.42 -24.59 16.10
C LYS F 99 40.82 -25.49 17.27
N THR F 100 39.94 -26.38 17.71
CA THR F 100 40.34 -27.44 18.64
C THR F 100 40.13 -28.80 18.00
N GLN F 101 39.28 -28.84 16.98
CA GLN F 101 39.07 -30.05 16.17
C GLN F 101 38.61 -31.22 17.04
N THR F 102 37.83 -30.91 18.06
CA THR F 102 37.28 -31.92 18.96
C THR F 102 36.02 -32.56 18.37
N VAL F 103 35.53 -32.00 17.28
CA VAL F 103 34.34 -32.54 16.62
C VAL F 103 34.75 -33.56 15.58
N GLN F 104 34.49 -34.83 15.88
CA GLN F 104 34.83 -35.93 15.00
C GLN F 104 33.66 -36.90 14.86
N SER F 105 32.69 -36.79 15.76
CA SER F 105 31.51 -37.66 15.76
C SER F 105 30.24 -36.87 15.96
N VAL F 106 29.11 -37.53 15.71
CA VAL F 106 27.80 -37.00 16.06
C VAL F 106 27.74 -36.71 17.55
N ALA F 107 28.41 -37.55 18.33
CA ALA F 107 28.40 -37.41 19.78
C ALA F 107 29.15 -36.15 20.15
N ASP F 108 30.22 -35.86 19.43
CA ASP F 108 31.00 -34.65 19.66
C ASP F 108 30.20 -33.40 19.29
N ILE F 109 29.08 -33.59 18.62
CA ILE F 109 28.23 -32.48 18.20
C ILE F 109 27.23 -32.17 19.32
N ARG F 110 26.71 -33.23 19.93
CA ARG F 110 25.79 -33.10 21.05
C ARG F 110 26.47 -32.51 22.28
N LYS F 111 27.68 -32.99 22.58
CA LYS F 111 28.43 -32.52 23.74
C LYS F 111 28.65 -31.02 23.69
N VAL F 112 28.78 -30.51 22.48
CA VAL F 112 28.99 -29.08 22.27
C VAL F 112 27.73 -28.31 22.68
N PHE F 113 26.58 -28.88 22.35
CA PHE F 113 25.30 -28.30 22.75
C PHE F 113 25.15 -28.42 24.25
N VAL F 114 25.43 -29.62 24.76
CA VAL F 114 25.42 -29.88 26.19
C VAL F 114 26.29 -28.91 26.96
N ASP F 115 27.53 -28.74 26.49
CA ASP F 115 28.50 -27.90 27.17
C ASP F 115 28.17 -26.41 27.02
N ALA F 116 27.10 -26.09 26.30
CA ALA F 116 26.74 -24.71 26.03
C ALA F 116 25.46 -24.30 26.76
N GLY F 117 24.77 -25.28 27.36
CA GLY F 117 23.58 -25.01 28.15
C GLY F 117 22.37 -25.83 27.77
N VAL F 118 22.51 -26.67 26.74
CA VAL F 118 21.38 -27.46 26.24
C VAL F 118 21.28 -28.81 26.94
N LYS F 119 20.12 -29.09 27.49
CA LYS F 119 19.87 -30.38 28.13
C LYS F 119 19.72 -31.42 27.02
N GLY F 120 20.58 -32.42 27.05
CA GLY F 120 20.62 -33.44 26.01
C GLY F 120 19.27 -34.07 25.71
N GLU F 121 18.34 -33.96 26.64
CA GLU F 121 17.00 -34.49 26.46
C GLU F 121 16.23 -33.66 25.43
N ASP F 122 16.43 -32.35 25.46
CA ASP F 122 15.80 -31.44 24.51
C ASP F 122 16.44 -31.57 23.14
N TYR F 123 17.77 -31.58 23.12
CA TYR F 123 18.53 -31.79 21.90
C TYR F 123 18.05 -33.05 21.18
N ASP F 124 17.96 -34.14 21.94
CA ASP F 124 17.59 -35.43 21.38
C ASP F 124 16.17 -35.44 20.85
N ALA F 125 15.25 -34.88 21.63
CA ALA F 125 13.85 -34.79 21.24
C ALA F 125 13.72 -34.03 19.93
N ALA F 126 14.48 -32.95 19.81
CA ALA F 126 14.44 -32.12 18.62
C ALA F 126 15.07 -32.84 17.44
N TRP F 127 16.24 -33.43 17.68
CA TRP F 127 16.98 -34.14 16.63
C TRP F 127 16.08 -35.10 15.87
N ASN F 128 15.28 -35.87 16.60
CA ASN F 128 14.42 -36.88 16.00
C ASN F 128 13.02 -36.37 15.67
N SER F 129 12.85 -35.05 15.65
CA SER F 129 11.54 -34.46 15.38
C SER F 129 11.28 -34.32 13.89
N PHE F 130 10.02 -34.46 13.48
CA PHE F 130 9.63 -34.27 12.09
C PHE F 130 9.87 -32.82 11.71
N VAL F 131 9.84 -31.95 12.71
CA VAL F 131 10.01 -30.53 12.52
C VAL F 131 11.40 -30.28 11.95
N VAL F 132 12.38 -30.82 12.63
CA VAL F 132 13.77 -30.68 12.24
C VAL F 132 14.02 -31.31 10.87
N LYS F 133 13.29 -32.38 10.57
CA LYS F 133 13.41 -33.05 9.28
C LYS F 133 13.09 -32.11 8.11
N SER F 134 12.15 -31.18 8.32
CA SER F 134 11.73 -30.26 7.28
C SER F 134 12.64 -29.04 7.20
N LEU F 135 13.26 -28.71 8.32
CA LEU F 135 14.22 -27.61 8.37
C LEU F 135 15.47 -28.01 7.63
N VAL F 136 15.78 -29.30 7.70
CA VAL F 136 16.88 -29.85 6.93
C VAL F 136 16.51 -29.75 5.46
N ALA F 137 15.28 -30.13 5.15
CA ALA F 137 14.78 -30.16 3.79
C ALA F 137 14.85 -28.77 3.16
N GLN F 138 14.43 -27.76 3.90
CA GLN F 138 14.36 -26.41 3.34
C GLN F 138 15.73 -25.78 3.22
N GLN F 139 16.65 -26.20 4.09
CA GLN F 139 18.02 -25.72 4.00
C GLN F 139 18.64 -26.16 2.69
N GLU F 140 18.51 -27.45 2.40
CA GLU F 140 18.97 -28.01 1.13
C GLU F 140 18.22 -27.35 -0.03
N LYS F 141 16.89 -27.35 0.08
CA LYS F 141 16.01 -26.83 -0.95
C LYS F 141 16.38 -25.41 -1.36
N ALA F 142 16.71 -24.59 -0.37
CA ALA F 142 17.04 -23.19 -0.63
C ALA F 142 18.39 -23.03 -1.31
N ALA F 143 19.33 -23.95 -1.03
CA ALA F 143 20.65 -23.89 -1.62
C ALA F 143 20.58 -24.26 -3.10
N ALA F 144 19.62 -25.11 -3.43
CA ALA F 144 19.45 -25.61 -4.80
C ALA F 144 18.74 -24.60 -5.69
N ASP F 145 17.70 -23.98 -5.17
CA ASP F 145 16.90 -23.04 -5.95
C ASP F 145 17.70 -21.79 -6.27
N LEU F 146 18.28 -21.18 -5.23
CA LEU F 146 19.13 -20.00 -5.39
C LEU F 146 20.42 -20.36 -6.14
N GLN F 147 20.66 -21.65 -6.33
CA GLN F 147 21.84 -22.15 -7.01
C GLN F 147 23.10 -21.71 -6.28
N LEU F 148 23.32 -22.33 -5.12
CA LEU F 148 24.48 -22.04 -4.28
C LEU F 148 25.66 -22.91 -4.72
N GLN F 149 26.85 -22.36 -4.63
CA GLN F 149 28.07 -23.09 -4.93
C GLN F 149 29.00 -23.08 -3.73
N GLY F 150 29.43 -21.89 -3.33
CA GLY F 150 30.38 -21.74 -2.25
C GLY F 150 29.80 -21.01 -1.05
N VAL F 151 30.59 -20.99 0.03
CA VAL F 151 30.22 -20.27 1.24
C VAL F 151 31.45 -19.54 1.77
N PRO F 152 31.24 -18.45 2.53
CA PRO F 152 29.92 -17.92 2.92
C PRO F 152 29.22 -17.17 1.80
N ALA F 153 27.88 -17.15 1.85
CA ALA F 153 27.07 -16.44 0.88
C ALA F 153 25.88 -15.78 1.57
N MET F 154 25.32 -14.75 0.93
CA MET F 154 24.11 -14.12 1.41
C MET F 154 23.27 -13.65 0.24
N TYR F 155 21.95 -13.84 0.34
CA TYR F 155 21.02 -13.43 -0.70
C TYR F 155 19.91 -12.55 -0.12
N VAL F 156 19.61 -11.47 -0.81
CA VAL F 156 18.56 -10.55 -0.38
C VAL F 156 17.29 -10.69 -1.22
N ASN F 157 16.17 -10.93 -0.53
CA ASN F 157 14.85 -11.03 -1.16
C ASN F 157 14.79 -12.00 -2.34
N GLY F 158 15.64 -13.03 -2.29
CA GLY F 158 15.62 -14.09 -3.29
C GLY F 158 16.06 -13.65 -4.68
N LYS F 159 16.57 -12.43 -4.80
CA LYS F 159 16.87 -11.85 -6.11
C LYS F 159 18.21 -11.12 -6.19
N TYR F 160 18.97 -11.13 -5.09
CA TYR F 160 20.29 -10.52 -5.09
C TYR F 160 21.32 -11.39 -4.40
N GLN F 161 22.58 -11.03 -4.57
CA GLN F 161 23.67 -11.68 -3.87
C GLN F 161 24.80 -10.68 -3.66
N LEU F 162 25.31 -10.64 -2.43
CA LEU F 162 26.42 -9.75 -2.11
C LEU F 162 27.65 -10.19 -2.87
N ASN F 163 28.40 -9.21 -3.38
CA ASN F 163 29.65 -9.48 -4.08
C ASN F 163 30.80 -8.77 -3.38
N PRO F 164 31.37 -9.43 -2.35
CA PRO F 164 32.44 -8.83 -1.53
C PRO F 164 33.72 -8.53 -2.31
N GLN F 165 33.85 -9.11 -3.50
CA GLN F 165 35.00 -8.84 -4.36
C GLN F 165 35.05 -7.35 -4.70
N GLY F 166 33.86 -6.80 -4.97
CA GLY F 166 33.75 -5.42 -5.38
C GLY F 166 33.63 -4.45 -4.22
N MET F 167 33.96 -4.91 -3.02
CA MET F 167 33.95 -4.07 -1.82
C MET F 167 35.36 -3.67 -1.46
N ASP F 168 35.48 -2.58 -0.71
CA ASP F 168 36.79 -2.09 -0.30
C ASP F 168 37.39 -3.07 0.70
N THR F 169 38.16 -4.01 0.19
CA THR F 169 38.83 -5.01 1.02
C THR F 169 40.16 -4.45 1.54
N SER F 170 40.20 -3.15 1.81
CA SER F 170 41.39 -2.50 2.36
C SER F 170 41.35 -2.57 3.87
N ASN F 171 40.56 -1.69 4.48
CA ASN F 171 40.40 -1.66 5.92
C ASN F 171 39.27 -2.61 6.33
N MET F 172 39.44 -3.21 7.50
CA MET F 172 38.52 -4.20 8.00
C MET F 172 37.17 -3.59 8.30
N ASP F 173 37.19 -2.57 9.16
CA ASP F 173 35.99 -1.88 9.60
C ASP F 173 35.25 -1.25 8.42
N VAL F 174 36.02 -0.83 7.42
CA VAL F 174 35.46 -0.22 6.23
C VAL F 174 34.64 -1.25 5.46
N PHE F 175 35.29 -2.36 5.14
CA PHE F 175 34.65 -3.45 4.41
C PHE F 175 33.39 -3.92 5.12
N VAL F 176 33.54 -4.24 6.40
CA VAL F 176 32.46 -4.77 7.22
C VAL F 176 31.29 -3.79 7.23
N ALA F 177 31.59 -2.51 7.23
CA ALA F 177 30.57 -1.47 7.21
C ALA F 177 29.94 -1.38 5.82
N GLN F 178 30.76 -1.52 4.79
CA GLN F 178 30.29 -1.42 3.42
C GLN F 178 29.41 -2.60 3.05
N TYR F 179 29.71 -3.75 3.64
CA TYR F 179 28.93 -4.97 3.42
C TYR F 179 27.52 -4.77 3.97
N ALA F 180 27.45 -4.29 5.22
CA ALA F 180 26.18 -4.12 5.91
C ALA F 180 25.30 -3.06 5.28
N ASP F 181 25.93 -2.02 4.71
CA ASP F 181 25.19 -0.93 4.11
C ASP F 181 24.64 -1.35 2.75
N THR F 182 25.44 -2.13 2.02
CA THR F 182 25.01 -2.69 0.76
C THR F 182 23.74 -3.51 0.97
N VAL F 183 23.78 -4.37 1.99
CA VAL F 183 22.62 -5.15 2.38
C VAL F 183 21.45 -4.23 2.70
N LYS F 184 21.72 -3.26 3.55
CA LYS F 184 20.70 -2.29 3.97
C LYS F 184 20.05 -1.66 2.75
N GLN F 185 20.88 -1.11 1.87
CA GLN F 185 20.38 -0.47 0.65
C GLN F 185 19.66 -1.49 -0.24
N LEU F 186 20.14 -2.73 -0.21
CA LEU F 186 19.53 -3.80 -1.00
C LEU F 186 18.14 -4.12 -0.47
N VAL F 187 17.97 -3.93 0.83
CA VAL F 187 16.70 -4.20 1.49
C VAL F 187 15.79 -3.00 1.30
N GLU F 188 16.39 -1.82 1.19
CA GLU F 188 15.65 -0.60 0.92
C GLU F 188 15.19 -0.57 -0.55
N LYS F 189 15.77 -1.46 -1.36
CA LYS F 189 15.43 -1.55 -2.77
C LYS F 189 14.27 -2.50 -3.00
N LYS F 190 13.21 -2.34 -2.19
CA LYS F 190 11.94 -3.05 -2.32
C LYS F 190 11.96 -4.33 -3.15
#